data_7ZX4
#
_entry.id   7ZX4
#
_cell.length_a   48.774
_cell.length_b   94.242
_cell.length_c   88.981
_cell.angle_alpha   90.000
_cell.angle_beta   103.810
_cell.angle_gamma   90.000
#
_symmetry.space_group_name_H-M   'P 1 21 1'
#
loop_
_entity.id
_entity.type
_entity.pdbx_description
1 polymer 'Clathrin heavy chain 1'
2 polymer 'Disks large-associated protein 5'
3 non-polymer GLYCEROL
4 non-polymer 'CHLORIDE ION'
5 non-polymer 'SODIUM ION'
6 water water
#
loop_
_entity_poly.entity_id
_entity_poly.type
_entity_poly.pdbx_seq_one_letter_code
_entity_poly.pdbx_strand_id
1 'polypeptide(L)'
;MAQILPIRFQEHLQLQNLGINPANIGFSTLTMESDKFICIREKVGEQAQVVIIDMNDPSNPIRRPISADSAIMNPASKVI
ALKAGKTLQIFNIEMKSKMKAHTMTDDVTFWKWISLNTVALVTDNAVYHWSMEGESQPVKMFDRHSSLAGCQIINYRTDA
KQKWLLLTGISAQQNRVVGAMQLYSVDRKVSQPIEGHAASFAQFKMEGNAEESTLFCFAVRGQAGGKLHIIEVGTPPTGN
QPFPKKAVDVFFPPEAQNDFPVAMQISEKHDVVFLITKYGYIHLYDLETGTCIYMNRISGETIFVTAPHEATAGIIGVNR
KGQVLSVCVEEENIIPYITNVLQNPDLALRMAVRNNLAGAEELF
;
A,B
2 'polypeptide(L)' YRHISFGGNLITF(SEP)PLQPGEF C,D,E
#
# COMPACT_ATOMS: atom_id res chain seq x y z
N LEU A 5 25.92 -25.00 7.60
CA LEU A 5 24.52 -25.21 8.07
C LEU A 5 23.60 -25.41 6.87
N PRO A 6 22.49 -26.19 7.00
CA PRO A 6 21.50 -26.28 5.92
C PRO A 6 20.53 -25.10 5.92
N ILE A 7 20.61 -24.26 6.95
CA ILE A 7 19.78 -23.04 7.12
C ILE A 7 20.69 -21.81 7.06
N ARG A 8 20.14 -20.70 6.60
CA ARG A 8 20.68 -19.34 6.84
C ARG A 8 19.82 -18.68 7.93
N PHE A 9 20.49 -18.24 8.99
CA PHE A 9 19.91 -17.52 10.14
C PHE A 9 20.29 -16.05 9.98
N GLN A 10 19.33 -15.13 10.17
CA GLN A 10 19.55 -13.67 9.99
C GLN A 10 18.79 -12.96 11.09
N GLU A 11 19.50 -12.21 11.92
CA GLU A 11 18.89 -11.15 12.76
C GLU A 11 18.64 -9.91 11.87
N HIS A 12 17.39 -9.49 11.77
CA HIS A 12 16.95 -8.35 10.92
C HIS A 12 16.94 -7.04 11.73
N LEU A 13 16.62 -7.11 13.02
CA LEU A 13 16.25 -5.93 13.82
C LEU A 13 16.23 -6.33 15.29
N GLN A 14 16.66 -5.43 16.18
CA GLN A 14 16.35 -5.51 17.63
C GLN A 14 15.38 -4.37 17.93
N LEU A 15 14.13 -4.69 18.22
CA LEU A 15 13.06 -3.69 18.37
C LEU A 15 13.40 -2.71 19.51
N GLN A 16 14.11 -3.14 20.54
CA GLN A 16 14.54 -2.24 21.66
C GLN A 16 15.42 -1.10 21.13
N ASN A 17 16.13 -1.28 20.02
CA ASN A 17 17.00 -0.22 19.43
C ASN A 17 16.13 0.91 18.88
N LEU A 18 14.85 0.64 18.59
CA LEU A 18 13.93 1.66 18.02
C LEU A 18 13.18 2.38 19.16
N GLY A 19 13.56 2.09 20.41
CA GLY A 19 12.97 2.69 21.63
C GLY A 19 11.66 2.00 21.99
N ILE A 20 11.47 0.75 21.56
CA ILE A 20 10.29 -0.08 21.94
C ILE A 20 10.51 -0.65 23.35
N ASN A 21 9.53 -0.45 24.22
CA ASN A 21 9.55 -0.96 25.62
C ASN A 21 9.49 -2.47 25.56
N PRO A 22 10.48 -3.19 26.14
CA PRO A 22 10.48 -4.64 26.06
C PRO A 22 9.24 -5.28 26.71
N ALA A 23 8.58 -4.59 27.65
CA ALA A 23 7.32 -5.08 28.27
C ALA A 23 6.23 -5.32 27.21
N ASN A 24 6.28 -4.65 26.06
CA ASN A 24 5.22 -4.74 25.01
C ASN A 24 5.63 -5.69 23.89
N ILE A 25 6.75 -6.41 24.06
CA ILE A 25 7.25 -7.38 23.05
C ILE A 25 6.75 -8.77 23.47
N GLY A 26 5.49 -9.07 23.10
CA GLY A 26 4.80 -10.31 23.48
C GLY A 26 3.55 -10.50 22.64
N PHE A 27 2.94 -11.67 22.75
CA PHE A 27 1.86 -12.17 21.87
C PHE A 27 0.69 -11.19 21.85
N SER A 28 0.30 -10.59 22.97
CA SER A 28 -0.97 -9.80 23.05
CA SER A 28 -0.96 -9.79 23.07
C SER A 28 -0.78 -8.41 22.44
N THR A 29 0.46 -7.92 22.28
CA THR A 29 0.72 -6.49 21.96
C THR A 29 1.53 -6.30 20.67
N LEU A 30 2.19 -7.35 20.18
CA LEU A 30 3.02 -7.23 18.97
C LEU A 30 2.50 -8.21 17.92
N THR A 31 2.24 -7.71 16.72
CA THR A 31 1.74 -8.54 15.60
C THR A 31 2.65 -8.39 14.40
N MET A 32 2.78 -9.47 13.64
CA MET A 32 3.50 -9.50 12.35
C MET A 32 2.75 -10.45 11.43
N GLU A 33 1.81 -9.90 10.67
CA GLU A 33 0.80 -10.65 9.88
C GLU A 33 1.47 -11.10 8.58
N SER A 34 2.52 -10.38 8.16
CA SER A 34 3.41 -10.68 7.01
C SER A 34 4.79 -10.11 7.35
N ASP A 35 5.78 -10.31 6.48
CA ASP A 35 7.16 -9.82 6.73
C ASP A 35 7.24 -8.31 6.44
N LYS A 36 6.17 -7.67 5.96
CA LYS A 36 6.21 -6.25 5.52
C LYS A 36 6.15 -5.28 6.72
N PHE A 37 5.40 -5.62 7.79
CA PHE A 37 5.15 -4.72 8.94
C PHE A 37 5.16 -5.49 10.27
N ILE A 38 5.58 -4.79 11.32
CA ILE A 38 5.37 -5.15 12.75
C ILE A 38 4.57 -4.01 13.36
N CYS A 39 3.50 -4.32 14.09
CA CYS A 39 2.75 -3.36 14.92
C CYS A 39 2.90 -3.74 16.38
N ILE A 40 3.17 -2.76 17.21
CA ILE A 40 3.30 -2.89 18.68
C ILE A 40 2.34 -1.91 19.34
N ARG A 41 1.48 -2.41 20.22
CA ARG A 41 0.65 -1.56 21.09
C ARG A 41 1.46 -1.27 22.36
N GLU A 42 1.63 0.00 22.67
CA GLU A 42 2.22 0.45 23.97
C GLU A 42 1.21 1.33 24.70
N LYS A 43 1.05 1.11 25.99
CA LYS A 43 0.13 1.89 26.85
C LYS A 43 0.87 2.21 28.14
N VAL A 44 0.98 3.50 28.51
CA VAL A 44 1.63 3.95 29.78
C VAL A 44 0.54 4.31 30.81
N GLY A 45 -0.31 5.29 30.50
CA GLY A 45 -1.46 5.66 31.35
C GLY A 45 -2.74 5.08 30.79
N GLU A 46 -3.65 5.96 30.37
CA GLU A 46 -4.78 5.63 29.45
C GLU A 46 -4.42 6.14 28.04
N GLN A 47 -3.13 6.36 27.76
CA GLN A 47 -2.61 6.91 26.49
C GLN A 47 -1.89 5.77 25.74
N ALA A 48 -2.69 4.94 25.07
CA ALA A 48 -2.23 3.86 24.19
C ALA A 48 -1.73 4.45 22.86
N GLN A 49 -0.63 3.91 22.36
CA GLN A 49 -0.15 4.19 20.99
C GLN A 49 0.08 2.89 20.24
N VAL A 50 0.09 2.98 18.91
CA VAL A 50 0.58 1.84 18.07
C VAL A 50 1.87 2.32 17.41
N VAL A 51 2.88 1.44 17.44
CA VAL A 51 4.15 1.68 16.72
C VAL A 51 4.11 0.80 15.48
N ILE A 52 4.18 1.43 14.31
CA ILE A 52 4.12 0.74 12.99
C ILE A 52 5.53 0.76 12.40
N ILE A 53 6.13 -0.43 12.34
CA ILE A 53 7.51 -0.65 11.84
C ILE A 53 7.36 -1.14 10.39
N ASP A 54 7.77 -0.30 9.44
CA ASP A 54 7.94 -0.66 8.01
C ASP A 54 9.26 -1.44 7.93
N MET A 55 9.18 -2.73 7.62
CA MET A 55 10.38 -3.59 7.64
C MET A 55 11.35 -3.21 6.50
N ASN A 56 10.92 -2.45 5.49
CA ASN A 56 11.82 -1.89 4.44
C ASN A 56 12.41 -0.54 4.89
N ASP A 57 12.01 -0.01 6.04
CA ASP A 57 12.46 1.31 6.55
C ASP A 57 12.40 1.35 8.08
N PRO A 58 13.15 0.49 8.79
CA PRO A 58 12.92 0.27 10.22
C PRO A 58 13.28 1.43 11.16
N SER A 59 14.15 2.36 10.75
CA SER A 59 14.62 3.47 11.63
C SER A 59 13.55 4.56 11.74
N ASN A 60 12.51 4.53 10.89
CA ASN A 60 11.47 5.59 10.85
C ASN A 60 10.10 5.02 11.17
N PRO A 61 9.86 4.45 12.38
CA PRO A 61 8.53 3.93 12.69
C PRO A 61 7.50 5.06 12.82
N ILE A 62 6.25 4.79 12.47
CA ILE A 62 5.09 5.67 12.79
C ILE A 62 4.63 5.32 14.20
N ARG A 63 4.45 6.34 15.03
CA ARG A 63 3.75 6.25 16.33
C ARG A 63 2.45 7.06 16.24
N ARG A 64 1.33 6.40 16.46
CA ARG A 64 -0.01 7.05 16.41
C ARG A 64 -0.76 6.68 17.70
N PRO A 65 -1.50 7.64 18.29
CA PRO A 65 -2.38 7.30 19.40
C PRO A 65 -3.47 6.33 18.94
N ILE A 66 -3.81 5.37 19.79
CA ILE A 66 -4.92 4.40 19.55
C ILE A 66 -5.77 4.24 20.81
N SER A 67 -6.92 3.58 20.68
CA SER A 67 -7.76 3.12 21.80
C SER A 67 -8.20 1.67 21.54
N ALA A 68 -7.42 0.92 20.76
CA ALA A 68 -7.76 -0.46 20.31
C ALA A 68 -7.13 -1.47 21.27
N ASP A 69 -7.79 -2.61 21.49
CA ASP A 69 -7.23 -3.75 22.28
C ASP A 69 -6.34 -4.60 21.35
N SER A 70 -6.31 -4.34 20.03
CA SER A 70 -5.57 -5.21 19.09
C SER A 70 -5.42 -4.49 17.75
N ALA A 71 -4.25 -4.63 17.11
CA ALA A 71 -3.84 -3.98 15.84
C ALA A 71 -3.12 -5.01 14.96
N ILE A 72 -3.68 -5.29 13.77
CA ILE A 72 -3.08 -6.25 12.78
C ILE A 72 -3.09 -5.56 11.41
N MET A 73 -1.92 -5.38 10.83
CA MET A 73 -1.74 -4.84 9.46
C MET A 73 -2.13 -5.93 8.46
N ASN A 74 -2.84 -5.53 7.42
CA ASN A 74 -3.05 -6.34 6.20
C ASN A 74 -1.69 -6.87 5.74
N PRO A 75 -1.59 -8.12 5.24
CA PRO A 75 -0.32 -8.68 4.77
C PRO A 75 0.34 -7.96 3.59
N ALA A 76 -0.45 -7.32 2.71
CA ALA A 76 -0.03 -6.86 1.37
C ALA A 76 -0.05 -5.33 1.27
N SER A 77 -0.69 -4.62 2.19
CA SER A 77 -1.01 -3.18 2.03
C SER A 77 -0.95 -2.52 3.41
N LYS A 78 -0.58 -1.24 3.45
CA LYS A 78 -0.44 -0.48 4.72
C LYS A 78 -1.84 -0.08 5.17
N VAL A 79 -2.62 -1.11 5.47
CA VAL A 79 -4.04 -1.01 5.87
C VAL A 79 -4.13 -1.76 7.18
N ILE A 80 -4.54 -1.06 8.24
CA ILE A 80 -4.50 -1.61 9.62
C ILE A 80 -5.93 -1.91 10.04
N ALA A 81 -6.12 -3.08 10.64
CA ALA A 81 -7.38 -3.50 11.29
C ALA A 81 -7.20 -3.30 12.81
N LEU A 82 -8.11 -2.52 13.39
CA LEU A 82 -8.10 -2.16 14.83
C LEU A 82 -9.41 -2.65 15.44
N LYS A 83 -9.37 -3.20 16.66
CA LYS A 83 -10.60 -3.57 17.37
C LYS A 83 -10.58 -3.14 18.83
N ALA A 84 -11.76 -2.94 19.38
CA ALA A 84 -12.05 -2.69 20.82
C ALA A 84 -13.31 -3.50 21.17
N GLY A 85 -13.12 -4.66 21.77
CA GLY A 85 -14.20 -5.62 22.10
C GLY A 85 -14.94 -6.08 20.85
N LYS A 86 -16.08 -5.47 20.54
CA LYS A 86 -16.96 -5.88 19.42
C LYS A 86 -16.75 -4.95 18.20
N THR A 87 -16.08 -3.83 18.38
CA THR A 87 -15.92 -2.76 17.34
C THR A 87 -14.69 -3.08 16.48
N LEU A 88 -14.88 -3.29 15.19
CA LEU A 88 -13.81 -3.51 14.19
C LEU A 88 -13.77 -2.30 13.25
N GLN A 89 -12.59 -1.74 13.02
CA GLN A 89 -12.38 -0.65 12.01
C GLN A 89 -11.12 -0.95 11.21
N ILE A 90 -11.11 -0.55 9.95
CA ILE A 90 -9.95 -0.75 9.04
C ILE A 90 -9.61 0.62 8.47
N PHE A 91 -8.33 0.97 8.55
CA PHE A 91 -7.82 2.29 8.10
C PHE A 91 -6.73 2.08 7.05
N ASN A 92 -6.81 2.89 5.99
CA ASN A 92 -5.67 3.09 5.05
C ASN A 92 -4.77 4.13 5.71
N ILE A 93 -3.58 3.74 6.16
CA ILE A 93 -2.69 4.67 6.92
C ILE A 93 -2.23 5.82 6.02
N GLU A 94 -1.86 5.54 4.78
CA GLU A 94 -1.36 6.56 3.81
C GLU A 94 -2.48 7.56 3.45
N MET A 95 -3.75 7.14 3.45
CA MET A 95 -4.88 8.08 3.18
C MET A 95 -5.45 8.63 4.48
N LYS A 96 -4.95 8.17 5.62
CA LYS A 96 -5.39 8.63 6.98
C LYS A 96 -6.91 8.49 7.06
N SER A 97 -7.48 7.42 6.50
CA SER A 97 -8.94 7.31 6.27
CA SER A 97 -8.94 7.30 6.26
C SER A 97 -9.46 5.95 6.75
N LYS A 98 -10.59 5.98 7.45
CA LYS A 98 -11.36 4.77 7.80
C LYS A 98 -12.04 4.21 6.54
N MET A 99 -11.68 3.01 6.13
CA MET A 99 -12.18 2.38 4.89
C MET A 99 -13.29 1.36 5.20
N LYS A 100 -13.34 0.79 6.41
CA LYS A 100 -14.38 -0.21 6.77
C LYS A 100 -14.63 -0.15 8.27
N ALA A 101 -15.83 -0.52 8.68
CA ALA A 101 -16.22 -0.61 10.09
C ALA A 101 -17.30 -1.67 10.22
N HIS A 102 -17.30 -2.38 11.36
CA HIS A 102 -18.31 -3.39 11.68
C HIS A 102 -18.32 -3.65 13.18
N THR A 103 -19.52 -3.79 13.76
CA THR A 103 -19.71 -4.21 15.17
C THR A 103 -20.24 -5.65 15.20
N MET A 104 -19.53 -6.53 15.90
CA MET A 104 -19.93 -7.94 16.09
C MET A 104 -20.93 -7.99 17.26
N THR A 105 -21.71 -9.07 17.34
CA THR A 105 -22.66 -9.33 18.46
C THR A 105 -21.85 -9.82 19.66
N ASP A 106 -20.70 -10.45 19.45
CA ASP A 106 -19.87 -11.12 20.49
C ASP A 106 -18.45 -10.53 20.44
N ASP A 107 -17.76 -10.50 21.57
CA ASP A 107 -16.33 -10.10 21.70
C ASP A 107 -15.46 -10.95 20.76
N VAL A 108 -14.62 -10.31 19.95
CA VAL A 108 -13.64 -11.00 19.07
C VAL A 108 -12.37 -11.19 19.91
N THR A 109 -12.10 -12.44 20.31
CA THR A 109 -11.03 -12.83 21.25
C THR A 109 -9.71 -12.98 20.51
N PHE A 110 -9.77 -13.37 19.24
CA PHE A 110 -8.60 -13.52 18.33
C PHE A 110 -9.04 -13.19 16.91
N TRP A 111 -8.15 -12.52 16.17
CA TRP A 111 -8.33 -12.29 14.73
C TRP A 111 -6.99 -12.28 14.02
N LYS A 112 -7.03 -12.59 12.73
CA LYS A 112 -5.82 -12.69 11.87
C LYS A 112 -6.26 -12.54 10.41
N TRP A 113 -5.42 -11.87 9.61
CA TRP A 113 -5.56 -11.85 8.14
C TRP A 113 -5.20 -13.24 7.61
N ILE A 114 -6.07 -13.84 6.81
CA ILE A 114 -5.82 -15.19 6.20
C ILE A 114 -5.51 -15.00 4.72
N SER A 115 -5.57 -13.77 4.20
CA SER A 115 -5.24 -13.42 2.80
C SER A 115 -5.11 -11.91 2.69
N LEU A 116 -4.75 -11.41 1.51
CA LEU A 116 -4.66 -9.95 1.29
C LEU A 116 -6.04 -9.27 1.28
N ASN A 117 -7.17 -10.00 1.29
CA ASN A 117 -8.52 -9.36 1.26
C ASN A 117 -9.47 -9.93 2.35
N THR A 118 -9.05 -10.84 3.23
CA THR A 118 -9.96 -11.47 4.22
C THR A 118 -9.33 -11.54 5.62
N VAL A 119 -10.08 -11.06 6.62
CA VAL A 119 -9.76 -11.18 8.07
C VAL A 119 -10.66 -12.25 8.67
N ALA A 120 -10.06 -13.14 9.45
CA ALA A 120 -10.72 -14.20 10.25
C ALA A 120 -11.02 -13.63 11.64
N LEU A 121 -12.26 -13.80 12.12
CA LEU A 121 -12.66 -13.35 13.47
C LEU A 121 -13.03 -14.58 14.28
N VAL A 122 -12.53 -14.64 15.51
CA VAL A 122 -12.88 -15.72 16.46
C VAL A 122 -13.58 -15.08 17.65
N THR A 123 -14.79 -15.57 17.94
CA THR A 123 -15.54 -15.27 19.19
C THR A 123 -15.45 -16.51 20.08
N ASP A 124 -16.02 -16.42 21.28
CA ASP A 124 -16.09 -17.57 22.22
CA ASP A 124 -16.17 -17.55 22.23
C ASP A 124 -16.82 -18.75 21.54
N ASN A 125 -17.69 -18.51 20.55
CA ASN A 125 -18.60 -19.55 20.02
C ASN A 125 -18.46 -19.82 18.51
N ALA A 126 -17.79 -18.96 17.74
CA ALA A 126 -17.82 -19.08 16.27
C ALA A 126 -16.58 -18.46 15.60
N VAL A 127 -16.31 -18.91 14.40
CA VAL A 127 -15.27 -18.32 13.51
C VAL A 127 -15.97 -17.71 12.28
N TYR A 128 -15.60 -16.47 11.94
CA TYR A 128 -16.12 -15.75 10.75
C TYR A 128 -14.96 -15.39 9.80
N HIS A 129 -15.28 -15.24 8.52
CA HIS A 129 -14.42 -14.62 7.49
C HIS A 129 -15.03 -13.27 7.10
N TRP A 130 -14.23 -12.19 7.14
CA TRP A 130 -14.67 -10.83 6.74
C TRP A 130 -13.85 -10.37 5.53
N SER A 131 -14.49 -10.41 4.37
CA SER A 131 -13.93 -9.96 3.08
C SER A 131 -13.88 -8.43 3.04
N MET A 132 -12.82 -7.84 2.49
CA MET A 132 -12.70 -6.37 2.29
C MET A 132 -13.46 -5.94 1.01
N GLU A 133 -14.08 -6.87 0.28
CA GLU A 133 -14.76 -6.57 -0.99
C GLU A 133 -16.11 -5.88 -0.74
N GLY A 134 -16.21 -4.60 -1.11
CA GLY A 134 -17.47 -3.82 -1.15
C GLY A 134 -18.20 -3.81 0.17
N GLU A 135 -19.47 -4.19 0.18
CA GLU A 135 -20.35 -4.11 1.38
C GLU A 135 -20.34 -5.47 2.11
N SER A 136 -19.46 -6.40 1.74
CA SER A 136 -19.21 -7.67 2.48
C SER A 136 -19.14 -7.40 3.98
N GLN A 137 -19.88 -8.20 4.75
CA GLN A 137 -19.77 -8.22 6.23
C GLN A 137 -19.26 -9.59 6.65
N PRO A 138 -18.84 -9.76 7.92
CA PRO A 138 -18.44 -11.07 8.42
C PRO A 138 -19.52 -12.13 8.17
N VAL A 139 -19.07 -13.25 7.60
CA VAL A 139 -19.83 -14.51 7.34
C VAL A 139 -19.31 -15.56 8.34
N LYS A 140 -20.22 -16.14 9.12
CA LYS A 140 -19.89 -17.28 10.02
C LYS A 140 -19.46 -18.46 9.14
N MET A 141 -18.32 -19.06 9.48
CA MET A 141 -17.79 -20.25 8.75
C MET A 141 -18.15 -21.52 9.54
N PHE A 142 -18.01 -21.53 10.87
CA PHE A 142 -18.36 -22.68 11.73
C PHE A 142 -18.58 -22.25 13.18
N ASP A 143 -19.26 -23.14 13.91
CA ASP A 143 -19.40 -23.10 15.38
C ASP A 143 -18.14 -23.69 16.02
N ARG A 144 -17.68 -23.11 17.12
CA ARG A 144 -16.50 -23.64 17.84
C ARG A 144 -16.83 -24.96 18.52
N HIS A 145 -15.89 -25.88 18.51
CA HIS A 145 -15.99 -27.20 19.17
C HIS A 145 -15.77 -27.05 20.68
N SER A 146 -16.56 -27.76 21.49
CA SER A 146 -16.52 -27.68 22.97
C SER A 146 -15.10 -28.02 23.48
N SER A 147 -14.31 -28.77 22.72
CA SER A 147 -12.93 -29.21 23.08
C SER A 147 -11.97 -28.04 23.24
N LEU A 148 -12.29 -26.86 22.66
CA LEU A 148 -11.43 -25.64 22.71
C LEU A 148 -11.97 -24.65 23.76
N ALA A 149 -13.08 -25.01 24.45
CA ALA A 149 -13.71 -24.15 25.48
C ALA A 149 -12.67 -23.91 26.59
N GLY A 150 -12.41 -22.66 26.94
CA GLY A 150 -11.45 -22.31 28.01
C GLY A 150 -10.02 -22.21 27.51
N CYS A 151 -9.79 -22.37 26.21
CA CYS A 151 -8.47 -22.18 25.59
C CYS A 151 -8.19 -20.70 25.35
N GLN A 152 -6.93 -20.31 25.48
CA GLN A 152 -6.41 -19.09 24.82
C GLN A 152 -6.24 -19.43 23.33
N ILE A 153 -6.95 -18.73 22.44
CA ILE A 153 -6.81 -18.89 20.96
C ILE A 153 -5.47 -18.25 20.53
N ILE A 154 -4.60 -19.00 19.83
CA ILE A 154 -3.23 -18.56 19.45
C ILE A 154 -3.06 -18.55 17.93
N ASN A 155 -3.94 -19.20 17.17
CA ASN A 155 -3.78 -19.24 15.70
C ASN A 155 -5.09 -19.64 15.02
N TYR A 156 -5.25 -19.15 13.80
CA TYR A 156 -6.31 -19.55 12.86
C TYR A 156 -5.69 -19.53 11.47
N ARG A 157 -5.85 -20.58 10.67
CA ARG A 157 -5.31 -20.56 9.31
C ARG A 157 -6.13 -21.51 8.44
N THR A 158 -5.89 -21.46 7.14
CA THR A 158 -6.68 -22.21 6.11
C THR A 158 -5.73 -22.81 5.08
N ASP A 159 -6.23 -23.74 4.28
CA ASP A 159 -5.55 -24.19 3.05
C ASP A 159 -5.69 -23.06 2.02
N ALA A 160 -4.97 -23.17 0.91
CA ALA A 160 -4.98 -22.20 -0.20
C ALA A 160 -6.43 -21.90 -0.65
N LYS A 161 -7.26 -22.91 -0.81
CA LYS A 161 -8.66 -22.82 -1.36
C LYS A 161 -9.67 -22.44 -0.29
N GLN A 162 -9.28 -22.24 0.98
CA GLN A 162 -10.18 -21.92 2.12
C GLN A 162 -11.31 -22.95 2.22
N LYS A 163 -10.99 -24.22 1.98
CA LYS A 163 -11.93 -25.36 2.11
C LYS A 163 -11.65 -26.11 3.42
N TRP A 164 -10.46 -25.93 4.01
CA TRP A 164 -10.01 -26.56 5.27
C TRP A 164 -9.58 -25.47 6.23
N LEU A 165 -10.25 -25.38 7.39
CA LEU A 165 -10.11 -24.27 8.37
C LEU A 165 -9.59 -24.87 9.68
N LEU A 166 -8.59 -24.24 10.29
CA LEU A 166 -7.98 -24.76 11.54
C LEU A 166 -7.89 -23.67 12.59
N LEU A 167 -8.55 -23.90 13.71
CA LEU A 167 -8.50 -23.05 14.93
C LEU A 167 -7.65 -23.74 16.00
N THR A 168 -6.70 -23.02 16.59
CA THR A 168 -5.74 -23.56 17.59
C THR A 168 -5.82 -22.74 18.88
N GLY A 169 -5.95 -23.44 20.00
CA GLY A 169 -5.89 -22.84 21.35
C GLY A 169 -5.01 -23.64 22.28
N ILE A 170 -4.63 -23.04 23.41
CA ILE A 170 -3.78 -23.72 24.43
C ILE A 170 -4.39 -23.46 25.81
N SER A 171 -4.11 -24.36 26.74
CA SER A 171 -4.40 -24.16 28.18
C SER A 171 -3.32 -24.87 29.02
N ALA A 172 -3.13 -24.40 30.25
CA ALA A 172 -2.25 -25.02 31.26
C ALA A 172 -3.02 -26.14 31.97
N GLN A 173 -2.45 -27.35 32.00
CA GLN A 173 -2.97 -28.53 32.74
C GLN A 173 -1.77 -29.24 33.35
N GLN A 174 -1.70 -29.39 34.68
CA GLN A 174 -0.66 -30.20 35.37
C GLN A 174 0.73 -29.65 35.04
N ASN A 175 0.83 -28.33 34.90
CA ASN A 175 2.12 -27.62 34.66
C ASN A 175 2.67 -27.99 33.26
N ARG A 176 1.80 -28.38 32.31
CA ARG A 176 2.18 -28.43 30.88
C ARG A 176 1.13 -27.69 30.06
N VAL A 177 1.54 -27.22 28.89
CA VAL A 177 0.68 -26.48 27.93
C VAL A 177 0.13 -27.52 26.96
N VAL A 178 -1.18 -27.75 27.00
CA VAL A 178 -1.95 -28.66 26.11
C VAL A 178 -2.52 -27.84 24.95
N GLY A 179 -2.24 -28.24 23.70
CA GLY A 179 -2.83 -27.65 22.49
C GLY A 179 -4.11 -28.35 22.09
N ALA A 180 -5.14 -27.58 21.77
CA ALA A 180 -6.45 -28.04 21.24
C ALA A 180 -6.67 -27.39 19.88
N MET A 181 -6.87 -28.22 18.86
CA MET A 181 -7.19 -27.74 17.49
C MET A 181 -8.56 -28.24 17.03
N GLN A 182 -9.26 -27.41 16.24
CA GLN A 182 -10.50 -27.72 15.51
C GLN A 182 -10.24 -27.58 14.02
N LEU A 183 -10.17 -28.72 13.31
CA LEU A 183 -10.19 -28.80 11.83
C LEU A 183 -11.66 -28.82 11.37
N TYR A 184 -12.03 -27.90 10.49
CA TYR A 184 -13.38 -27.81 9.89
C TYR A 184 -13.25 -27.94 8.37
N SER A 185 -14.02 -28.87 7.79
CA SER A 185 -14.25 -29.01 6.34
C SER A 185 -15.45 -28.16 5.91
N VAL A 186 -15.24 -27.21 5.00
CA VAL A 186 -16.31 -26.32 4.44
C VAL A 186 -17.33 -27.18 3.65
N ASP A 187 -16.85 -28.07 2.78
CA ASP A 187 -17.70 -28.94 1.91
C ASP A 187 -18.50 -29.93 2.76
N ARG A 188 -17.85 -30.60 3.73
CA ARG A 188 -18.50 -31.68 4.52
C ARG A 188 -19.32 -31.06 5.65
N LYS A 189 -19.04 -29.80 6.03
CA LYS A 189 -19.67 -29.12 7.20
C LYS A 189 -19.49 -29.96 8.46
N VAL A 190 -18.31 -30.50 8.69
CA VAL A 190 -17.97 -31.32 9.90
C VAL A 190 -16.66 -30.81 10.53
N SER A 191 -16.59 -30.80 11.87
CA SER A 191 -15.37 -30.49 12.65
C SER A 191 -14.72 -31.79 13.16
N GLN A 192 -13.42 -31.78 13.42
CA GLN A 192 -12.69 -32.85 14.14
C GLN A 192 -11.75 -32.19 15.15
N PRO A 193 -11.92 -32.48 16.47
CA PRO A 193 -11.01 -31.98 17.48
C PRO A 193 -9.69 -32.77 17.44
N ILE A 194 -8.58 -32.10 17.67
CA ILE A 194 -7.23 -32.68 17.57
C ILE A 194 -6.39 -32.11 18.70
N GLU A 195 -5.62 -32.92 19.43
CA GLU A 195 -4.61 -32.38 20.39
C GLU A 195 -3.40 -31.98 19.56
N GLY A 196 -3.15 -30.68 19.40
CA GLY A 196 -2.10 -30.14 18.52
C GLY A 196 -1.63 -28.79 19.02
N HIS A 197 -0.35 -28.46 18.83
CA HIS A 197 0.27 -27.19 19.30
C HIS A 197 0.41 -26.17 18.16
N ALA A 198 0.97 -26.60 17.03
CA ALA A 198 1.23 -25.75 15.85
C ALA A 198 0.98 -26.55 14.58
N ALA A 199 0.55 -25.86 13.52
CA ALA A 199 0.05 -26.46 12.27
C ALA A 199 0.21 -25.49 11.11
N SER A 200 0.18 -26.05 9.89
CA SER A 200 0.05 -25.29 8.63
C SER A 200 -0.54 -26.21 7.55
N PHE A 201 -1.21 -25.62 6.57
CA PHE A 201 -1.56 -26.32 5.31
C PHE A 201 -0.41 -26.09 4.34
N ALA A 202 -0.32 -26.95 3.33
CA ALA A 202 0.65 -26.81 2.21
C ALA A 202 0.04 -27.47 0.98
N GLN A 203 0.40 -26.95 -0.19
CA GLN A 203 0.15 -27.56 -1.52
C GLN A 203 1.41 -28.35 -1.89
N PHE A 204 1.28 -29.65 -2.16
CA PHE A 204 2.42 -30.54 -2.52
C PHE A 204 2.03 -31.38 -3.75
N LYS A 205 2.79 -31.26 -4.83
CA LYS A 205 2.59 -32.13 -6.02
C LYS A 205 3.51 -33.35 -5.87
N MET A 206 2.92 -34.52 -5.68
CA MET A 206 3.63 -35.83 -5.67
C MET A 206 4.11 -36.15 -7.09
N GLU A 207 5.26 -36.80 -7.19
CA GLU A 207 5.86 -37.38 -8.43
C GLU A 207 4.77 -38.21 -9.13
N GLY A 208 4.45 -37.89 -10.38
CA GLY A 208 3.52 -38.67 -11.22
C GLY A 208 2.07 -38.26 -11.11
N ASN A 209 1.70 -37.54 -10.04
CA ASN A 209 0.34 -36.93 -9.90
C ASN A 209 0.28 -35.71 -10.82
N ALA A 210 -0.84 -35.52 -11.52
CA ALA A 210 -1.11 -34.38 -12.41
C ALA A 210 -1.49 -33.16 -11.56
N GLU A 211 -2.07 -33.38 -10.36
CA GLU A 211 -2.64 -32.32 -9.49
C GLU A 211 -1.90 -32.29 -8.15
N GLU A 212 -1.85 -31.11 -7.51
CA GLU A 212 -1.33 -30.91 -6.13
C GLU A 212 -2.25 -31.60 -5.13
N SER A 213 -1.65 -32.17 -4.08
CA SER A 213 -2.35 -32.65 -2.88
C SER A 213 -2.44 -31.47 -1.90
N THR A 214 -3.53 -31.38 -1.11
CA THR A 214 -3.67 -30.40 -0.02
C THR A 214 -3.29 -31.14 1.27
N LEU A 215 -2.18 -30.71 1.89
CA LEU A 215 -1.64 -31.38 3.10
C LEU A 215 -1.95 -30.53 4.33
N PHE A 216 -2.26 -31.25 5.40
CA PHE A 216 -2.40 -30.72 6.77
C PHE A 216 -1.20 -31.27 7.55
N CYS A 217 -0.39 -30.37 8.09
CA CYS A 217 0.79 -30.71 8.92
C CYS A 217 0.60 -30.10 10.30
N PHE A 218 0.61 -30.91 11.35
CA PHE A 218 0.54 -30.44 12.76
C PHE A 218 1.57 -31.15 13.62
N ALA A 219 2.12 -30.41 14.59
CA ALA A 219 3.08 -30.89 15.59
C ALA A 219 2.47 -30.73 16.99
N VAL A 220 2.70 -31.70 17.86
CA VAL A 220 2.16 -31.72 19.24
C VAL A 220 3.20 -32.35 20.18
N ARG A 221 3.27 -31.87 21.41
CA ARG A 221 3.87 -32.66 22.50
C ARG A 221 2.73 -33.14 23.39
N GLY A 222 2.66 -34.46 23.60
CA GLY A 222 1.80 -35.12 24.59
C GLY A 222 2.54 -35.35 25.91
N GLN A 223 1.95 -36.12 26.82
CA GLN A 223 2.54 -36.40 28.16
C GLN A 223 3.85 -37.19 28.01
N ALA A 224 4.03 -37.95 26.92
CA ALA A 224 5.14 -38.92 26.73
C ALA A 224 5.74 -38.79 25.33
N GLY A 225 6.00 -37.57 24.87
CA GLY A 225 6.77 -37.34 23.63
C GLY A 225 6.05 -36.48 22.60
N GLY A 226 6.80 -36.03 21.60
CA GLY A 226 6.34 -35.14 20.53
C GLY A 226 6.10 -35.91 19.26
N LYS A 227 5.14 -35.49 18.44
CA LYS A 227 4.84 -36.10 17.13
C LYS A 227 4.49 -35.01 16.09
N LEU A 228 4.93 -35.22 14.85
CA LEU A 228 4.58 -34.38 13.68
C LEU A 228 3.82 -35.26 12.69
N HIS A 229 2.66 -34.78 12.24
CA HIS A 229 1.77 -35.46 11.30
C HIS A 229 1.70 -34.66 10.01
N ILE A 230 1.85 -35.34 8.87
CA ILE A 230 1.60 -34.79 7.51
C ILE A 230 0.52 -35.68 6.87
N ILE A 231 -0.67 -35.12 6.68
CA ILE A 231 -1.90 -35.85 6.24
C ILE A 231 -2.50 -35.09 5.06
N GLU A 232 -2.84 -35.80 3.99
CA GLU A 232 -3.73 -35.29 2.91
C GLU A 232 -5.14 -35.14 3.46
N VAL A 233 -5.72 -33.95 3.30
CA VAL A 233 -7.11 -33.64 3.71
C VAL A 233 -7.98 -33.61 2.45
N GLY A 234 -9.20 -34.14 2.53
CA GLY A 234 -10.14 -34.20 1.38
C GLY A 234 -9.84 -35.40 0.49
N THR A 235 -10.70 -35.60 -0.51
CA THR A 235 -10.59 -36.73 -1.46
C THR A 235 -9.53 -36.35 -2.49
N PRO A 236 -8.51 -37.22 -2.74
CA PRO A 236 -7.48 -36.91 -3.73
C PRO A 236 -8.17 -36.61 -5.07
N PRO A 237 -7.67 -35.65 -5.87
CA PRO A 237 -8.22 -35.39 -7.20
C PRO A 237 -8.25 -36.68 -8.04
N THR A 238 -9.23 -36.81 -8.93
CA THR A 238 -9.36 -37.95 -9.88
C THR A 238 -8.01 -38.24 -10.52
N GLY A 239 -7.52 -39.48 -10.40
CA GLY A 239 -6.29 -39.96 -11.07
C GLY A 239 -5.03 -39.73 -10.24
N ASN A 240 -5.14 -39.01 -9.10
CA ASN A 240 -4.03 -38.73 -8.15
C ASN A 240 -3.88 -39.93 -7.20
N GLN A 241 -2.64 -40.38 -6.98
CA GLN A 241 -2.34 -41.27 -5.83
C GLN A 241 -2.63 -40.47 -4.57
N PRO A 242 -3.15 -41.10 -3.49
CA PRO A 242 -3.26 -40.42 -2.21
C PRO A 242 -1.85 -40.19 -1.65
N PHE A 243 -1.68 -39.13 -0.86
CA PHE A 243 -0.43 -38.87 -0.10
C PHE A 243 -0.42 -39.86 1.05
N PRO A 244 0.57 -40.78 1.14
CA PRO A 244 0.66 -41.66 2.30
C PRO A 244 0.92 -40.81 3.55
N LYS A 245 0.07 -40.97 4.57
CA LYS A 245 0.14 -40.16 5.81
CA LYS A 245 0.12 -40.21 5.84
C LYS A 245 1.52 -40.40 6.44
N LYS A 246 2.14 -39.33 6.94
CA LYS A 246 3.44 -39.40 7.65
C LYS A 246 3.20 -39.07 9.11
N ALA A 247 3.87 -39.77 10.01
CA ALA A 247 3.87 -39.51 11.46
C ALA A 247 5.30 -39.71 11.96
N VAL A 248 5.93 -38.66 12.48
CA VAL A 248 7.35 -38.72 12.94
C VAL A 248 7.46 -38.12 14.35
N ASP A 249 8.50 -38.56 15.07
CA ASP A 249 8.83 -38.05 16.42
CA ASP A 249 8.83 -38.05 16.43
C ASP A 249 9.27 -36.58 16.30
N VAL A 250 8.90 -35.78 17.29
CA VAL A 250 9.47 -34.41 17.52
C VAL A 250 10.31 -34.51 18.79
N PHE A 251 11.62 -34.40 18.65
CA PHE A 251 12.61 -34.61 19.73
C PHE A 251 12.61 -33.38 20.64
N PHE A 252 12.57 -33.62 21.94
CA PHE A 252 12.87 -32.64 23.00
C PHE A 252 13.98 -33.25 23.84
N PRO A 253 15.12 -32.56 24.06
CA PRO A 253 16.17 -33.09 24.92
C PRO A 253 15.66 -33.28 26.34
N PRO A 254 16.29 -34.14 27.18
CA PRO A 254 15.80 -34.36 28.54
C PRO A 254 15.73 -33.07 29.39
N GLU A 255 16.54 -32.07 29.04
CA GLU A 255 16.69 -30.77 29.74
C GLU A 255 15.56 -29.80 29.38
N ALA A 256 14.72 -30.11 28.37
CA ALA A 256 13.68 -29.19 27.83
C ALA A 256 12.28 -29.70 28.17
N GLN A 257 12.08 -30.04 29.44
CA GLN A 257 10.91 -30.82 29.94
C GLN A 257 9.61 -30.05 29.71
N ASN A 258 9.66 -28.73 29.73
CA ASN A 258 8.47 -27.85 29.60
C ASN A 258 8.38 -27.24 28.18
N ASP A 259 9.22 -27.69 27.25
CA ASP A 259 9.22 -27.18 25.86
C ASP A 259 8.05 -27.82 25.08
N PHE A 260 7.56 -27.14 24.04
CA PHE A 260 6.46 -27.61 23.15
C PHE A 260 6.49 -26.75 21.89
N PRO A 261 5.89 -27.19 20.75
CA PRO A 261 5.92 -26.38 19.52
C PRO A 261 5.07 -25.12 19.69
N VAL A 262 5.53 -23.97 19.17
CA VAL A 262 4.80 -22.67 19.24
C VAL A 262 4.67 -21.98 17.88
N ALA A 263 5.29 -22.47 16.81
CA ALA A 263 5.18 -21.82 15.48
C ALA A 263 5.50 -22.86 14.38
N MET A 264 4.75 -22.79 13.29
CA MET A 264 5.04 -23.56 12.04
C MET A 264 4.76 -22.68 10.81
N GLN A 265 5.70 -22.72 9.86
CA GLN A 265 5.54 -22.20 8.47
C GLN A 265 6.12 -23.25 7.52
N ILE A 266 5.53 -23.42 6.34
CA ILE A 266 5.98 -24.41 5.34
C ILE A 266 6.44 -23.66 4.08
N SER A 267 7.67 -23.95 3.64
CA SER A 267 8.25 -23.40 2.40
C SER A 267 7.54 -23.98 1.18
N GLU A 268 6.86 -23.12 0.42
CA GLU A 268 6.23 -23.52 -0.87
C GLU A 268 7.35 -23.89 -1.86
N LYS A 269 8.48 -23.17 -1.85
CA LYS A 269 9.60 -23.42 -2.79
C LYS A 269 10.36 -24.72 -2.49
N HIS A 270 10.65 -25.03 -1.22
CA HIS A 270 11.56 -26.13 -0.81
C HIS A 270 10.81 -27.35 -0.25
N ASP A 271 9.49 -27.25 -0.05
CA ASP A 271 8.66 -28.31 0.59
C ASP A 271 9.38 -28.77 1.88
N VAL A 272 9.65 -27.83 2.77
CA VAL A 272 10.17 -28.08 4.14
C VAL A 272 9.27 -27.40 5.16
N VAL A 273 9.03 -28.08 6.28
CA VAL A 273 8.32 -27.56 7.47
C VAL A 273 9.36 -26.92 8.39
N PHE A 274 9.15 -25.67 8.78
CA PHE A 274 9.89 -24.96 9.86
C PHE A 274 9.05 -25.10 11.14
N LEU A 275 9.59 -25.73 12.19
CA LEU A 275 8.89 -25.82 13.50
C LEU A 275 9.74 -25.09 14.52
N ILE A 276 9.14 -24.18 15.28
CA ILE A 276 9.85 -23.46 16.37
C ILE A 276 9.18 -23.83 17.67
N THR A 277 9.98 -24.18 18.68
CA THR A 277 9.52 -24.55 20.04
C THR A 277 9.62 -23.34 20.97
N LYS A 278 8.90 -23.36 22.09
CA LYS A 278 8.84 -22.28 23.11
C LYS A 278 10.24 -21.91 23.61
N TYR A 279 11.12 -22.88 23.87
CA TYR A 279 12.48 -22.64 24.41
C TYR A 279 13.41 -22.08 23.31
N GLY A 280 12.97 -22.08 22.05
CA GLY A 280 13.67 -21.39 20.95
C GLY A 280 14.45 -22.32 20.03
N TYR A 281 14.07 -23.59 19.95
CA TYR A 281 14.63 -24.56 18.97
C TYR A 281 13.89 -24.43 17.63
N ILE A 282 14.64 -24.50 16.54
CA ILE A 282 14.07 -24.67 15.18
C ILE A 282 14.34 -26.11 14.75
N HIS A 283 13.36 -26.69 14.10
CA HIS A 283 13.40 -28.03 13.47
C HIS A 283 13.02 -27.84 11.99
N LEU A 284 13.77 -28.46 11.07
CA LEU A 284 13.41 -28.57 9.63
C LEU A 284 12.97 -30.01 9.38
N TYR A 285 11.80 -30.18 8.79
CA TYR A 285 11.27 -31.49 8.32
C TYR A 285 10.99 -31.43 6.83
N ASP A 286 11.35 -32.49 6.11
CA ASP A 286 10.94 -32.70 4.70
C ASP A 286 9.41 -32.86 4.69
N LEU A 287 8.68 -32.03 3.92
CA LEU A 287 7.21 -32.16 3.76
C LEU A 287 6.85 -33.53 3.16
N GLU A 288 7.62 -34.05 2.20
CA GLU A 288 7.29 -35.31 1.49
C GLU A 288 7.33 -36.51 2.46
N THR A 289 8.46 -36.74 3.14
CA THR A 289 8.71 -37.96 3.97
C THR A 289 8.56 -37.68 5.47
N GLY A 290 8.64 -36.42 5.88
CA GLY A 290 8.59 -36.07 7.31
C GLY A 290 9.94 -36.18 7.97
N THR A 291 10.98 -36.55 7.22
CA THR A 291 12.36 -36.76 7.77
C THR A 291 12.85 -35.47 8.43
N CYS A 292 13.31 -35.52 9.69
CA CYS A 292 13.92 -34.38 10.42
C CYS A 292 15.28 -34.06 9.81
N ILE A 293 15.42 -32.89 9.18
CA ILE A 293 16.64 -32.47 8.44
C ILE A 293 17.62 -31.80 9.42
N TYR A 294 17.13 -30.97 10.33
CA TYR A 294 17.99 -30.10 11.17
C TYR A 294 17.22 -29.71 12.44
N MET A 295 17.96 -29.56 13.54
CA MET A 295 17.45 -29.09 14.84
C MET A 295 18.55 -28.23 15.47
N ASN A 296 18.20 -27.08 16.03
CA ASN A 296 19.21 -26.24 16.72
C ASN A 296 18.48 -25.17 17.50
N ARG A 297 19.06 -24.76 18.63
CA ARG A 297 18.49 -23.64 19.41
C ARG A 297 18.97 -22.34 18.78
N ILE A 298 18.08 -21.55 18.17
CA ILE A 298 18.44 -20.27 17.45
C ILE A 298 18.12 -19.07 18.34
N SER A 299 17.42 -19.25 19.47
CA SER A 299 16.92 -18.15 20.32
C SER A 299 16.86 -18.61 21.78
N GLY A 300 17.37 -17.81 22.72
CA GLY A 300 17.22 -18.05 24.17
C GLY A 300 15.83 -17.68 24.65
N GLU A 301 15.10 -16.92 23.82
CA GLU A 301 13.77 -16.35 24.13
C GLU A 301 12.73 -16.90 23.15
N THR A 302 11.50 -17.04 23.62
CA THR A 302 10.36 -17.59 22.85
C THR A 302 10.16 -16.76 21.58
N ILE A 303 10.16 -17.40 20.41
CA ILE A 303 9.64 -16.78 19.16
C ILE A 303 8.12 -16.97 19.14
N PHE A 304 7.37 -15.91 19.39
CA PHE A 304 5.93 -16.03 19.73
C PHE A 304 5.07 -15.73 18.51
N VAL A 305 5.64 -15.12 17.47
CA VAL A 305 4.91 -14.74 16.23
C VAL A 305 5.82 -14.99 15.03
N THR A 306 5.27 -15.59 13.99
CA THR A 306 6.00 -15.85 12.72
C THR A 306 5.12 -15.56 11.53
N ALA A 307 5.78 -15.40 10.40
CA ALA A 307 5.15 -15.21 9.08
C ALA A 307 6.05 -15.85 8.05
N PRO A 308 5.52 -16.18 6.85
CA PRO A 308 6.34 -16.52 5.69
C PRO A 308 7.36 -15.39 5.44
N HIS A 309 8.60 -15.76 5.18
CA HIS A 309 9.65 -14.80 4.74
C HIS A 309 9.70 -14.87 3.22
N GLU A 310 8.96 -13.96 2.55
CA GLU A 310 8.55 -14.10 1.13
C GLU A 310 9.80 -14.27 0.26
N ALA A 311 10.79 -13.41 0.44
CA ALA A 311 11.98 -13.26 -0.43
C ALA A 311 12.85 -14.53 -0.41
N THR A 312 12.80 -15.33 0.66
CA THR A 312 13.66 -16.53 0.87
C THR A 312 12.82 -17.81 0.99
N ALA A 313 11.48 -17.69 0.90
CA ALA A 313 10.51 -18.79 1.14
C ALA A 313 10.80 -19.45 2.49
N GLY A 314 11.11 -18.64 3.50
CA GLY A 314 11.49 -19.10 4.84
C GLY A 314 10.49 -18.66 5.90
N ILE A 315 10.98 -18.49 7.11
CA ILE A 315 10.15 -18.16 8.31
C ILE A 315 10.81 -16.96 8.97
N ILE A 316 10.04 -15.92 9.22
CA ILE A 316 10.57 -14.76 9.98
C ILE A 316 9.69 -14.64 11.23
N GLY A 317 10.30 -14.25 12.35
CA GLY A 317 9.65 -14.25 13.66
C GLY A 317 10.19 -13.17 14.56
N VAL A 318 9.49 -12.95 15.67
CA VAL A 318 9.90 -12.02 16.74
C VAL A 318 9.97 -12.80 18.05
N ASN A 319 11.05 -12.63 18.83
CA ASN A 319 11.18 -13.24 20.16
C ASN A 319 10.88 -12.21 21.25
N ARG A 320 10.74 -12.68 22.48
CA ARG A 320 10.23 -11.85 23.60
C ARG A 320 11.28 -10.80 23.99
N LYS A 321 12.54 -10.94 23.53
CA LYS A 321 13.63 -9.96 23.78
C LYS A 321 13.61 -8.88 22.70
N GLY A 322 12.87 -9.10 21.61
CA GLY A 322 12.71 -8.06 20.56
C GLY A 322 13.58 -8.35 19.36
N GLN A 323 14.18 -9.53 19.33
CA GLN A 323 14.98 -9.96 18.16
C GLN A 323 14.03 -10.37 17.03
N VAL A 324 14.20 -9.78 15.86
CA VAL A 324 13.46 -10.17 14.64
C VAL A 324 14.43 -11.04 13.85
N LEU A 325 14.14 -12.34 13.76
CA LEU A 325 15.06 -13.31 13.15
C LEU A 325 14.33 -14.13 12.09
N SER A 326 15.09 -14.59 11.12
CA SER A 326 14.56 -15.35 9.96
C SER A 326 15.44 -16.58 9.77
N VAL A 327 14.83 -17.64 9.28
CA VAL A 327 15.48 -18.92 8.90
C VAL A 327 14.93 -19.29 7.54
N CYS A 328 15.81 -19.62 6.61
CA CYS A 328 15.43 -20.26 5.32
C CYS A 328 16.40 -21.40 5.06
N VAL A 329 16.04 -22.25 4.09
CA VAL A 329 16.98 -23.27 3.54
C VAL A 329 18.14 -22.48 2.94
N GLU A 330 19.38 -22.82 3.29
CA GLU A 330 20.59 -22.38 2.55
C GLU A 330 20.75 -23.31 1.34
N GLU A 331 20.37 -22.84 0.15
CA GLU A 331 20.33 -23.68 -1.09
C GLU A 331 21.73 -24.21 -1.45
N GLU A 332 22.79 -23.49 -1.11
CA GLU A 332 24.20 -23.91 -1.40
C GLU A 332 24.60 -25.09 -0.49
N ASN A 333 23.99 -25.26 0.69
CA ASN A 333 24.51 -26.16 1.75
C ASN A 333 23.61 -27.38 1.98
N ILE A 334 22.30 -27.28 1.72
CA ILE A 334 21.29 -28.26 2.20
C ILE A 334 21.63 -29.66 1.65
N ILE A 335 21.97 -29.81 0.38
CA ILE A 335 22.17 -31.16 -0.24
C ILE A 335 23.44 -31.79 0.36
N PRO A 336 24.61 -31.08 0.38
CA PRO A 336 25.78 -31.55 1.10
C PRO A 336 25.56 -31.92 2.58
N TYR A 337 24.73 -31.16 3.32
CA TYR A 337 24.41 -31.45 4.75
C TYR A 337 23.67 -32.78 4.84
N ILE A 338 22.63 -32.98 4.01
CA ILE A 338 21.82 -34.23 4.07
C ILE A 338 22.69 -35.45 3.71
N THR A 339 23.55 -35.34 2.70
CA THR A 339 24.52 -36.38 2.26
C THR A 339 25.53 -36.66 3.36
N ASN A 340 26.29 -35.64 3.76
CA ASN A 340 27.53 -35.80 4.57
C ASN A 340 27.21 -35.87 6.07
N VAL A 341 26.23 -35.12 6.56
CA VAL A 341 25.96 -35.07 8.03
C VAL A 341 24.87 -36.10 8.36
N LEU A 342 23.75 -36.10 7.64
CA LEU A 342 22.64 -37.07 7.87
C LEU A 342 22.96 -38.43 7.27
N GLN A 343 23.90 -38.53 6.31
CA GLN A 343 24.22 -39.81 5.62
C GLN A 343 22.94 -40.36 4.97
N ASN A 344 22.21 -39.51 4.25
CA ASN A 344 20.88 -39.84 3.64
C ASN A 344 20.91 -39.42 2.17
N PRO A 345 21.69 -40.13 1.31
CA PRO A 345 21.76 -39.80 -0.11
C PRO A 345 20.39 -39.83 -0.80
N ASP A 346 19.49 -40.71 -0.35
CA ASP A 346 18.10 -40.85 -0.86
C ASP A 346 17.35 -39.52 -0.70
N LEU A 347 17.40 -38.93 0.49
CA LEU A 347 16.70 -37.66 0.78
C LEU A 347 17.34 -36.53 -0.03
N ALA A 348 18.67 -36.53 -0.09
CA ALA A 348 19.49 -35.53 -0.83
C ALA A 348 19.06 -35.50 -2.29
N LEU A 349 19.02 -36.66 -2.97
CA LEU A 349 18.69 -36.76 -4.42
C LEU A 349 17.26 -36.26 -4.63
N ARG A 350 16.31 -36.77 -3.85
CA ARG A 350 14.87 -36.41 -3.92
C ARG A 350 14.71 -34.89 -3.80
N MET A 351 15.37 -34.26 -2.82
CA MET A 351 15.27 -32.80 -2.54
C MET A 351 16.03 -32.02 -3.63
N ALA A 352 17.12 -32.56 -4.15
CA ALA A 352 17.93 -31.90 -5.21
C ALA A 352 17.09 -31.83 -6.50
N VAL A 353 16.39 -32.90 -6.85
CA VAL A 353 15.56 -32.96 -8.10
C VAL A 353 14.37 -32.01 -7.94
N ARG A 354 13.74 -31.97 -6.76
CA ARG A 354 12.57 -31.10 -6.45
C ARG A 354 12.92 -29.62 -6.69
N ASN A 355 14.10 -29.14 -6.26
CA ASN A 355 14.51 -27.71 -6.35
C ASN A 355 15.68 -27.51 -7.34
N ASN A 356 15.97 -28.49 -8.19
CA ASN A 356 16.99 -28.34 -9.27
C ASN A 356 18.32 -27.85 -8.66
N LEU A 357 18.76 -28.46 -7.54
CA LEU A 357 20.05 -28.11 -6.88
C LEU A 357 21.14 -29.10 -7.30
N ALA A 358 22.40 -28.68 -7.20
CA ALA A 358 23.57 -29.53 -7.52
C ALA A 358 23.97 -30.37 -6.30
N GLY A 359 24.69 -31.47 -6.55
CA GLY A 359 25.53 -32.16 -5.56
C GLY A 359 24.87 -33.38 -4.94
N ALA A 360 23.85 -33.96 -5.57
CA ALA A 360 23.10 -35.13 -5.06
C ALA A 360 23.56 -36.42 -5.73
N GLU A 361 24.28 -36.33 -6.85
CA GLU A 361 24.87 -37.49 -7.58
C GLU A 361 25.90 -38.18 -6.68
N GLU A 362 25.67 -39.46 -6.34
CA GLU A 362 26.64 -40.31 -5.58
C GLU A 362 27.92 -40.53 -6.41
N LEU A 363 29.03 -39.96 -5.97
CA LEU A 363 30.30 -39.88 -6.74
C LEU A 363 30.96 -41.27 -6.86
N PHE A 364 30.73 -42.19 -5.91
CA PHE A 364 31.06 -43.64 -6.07
C PHE A 364 30.16 -44.50 -5.16
N ILE B 4 25.68 26.54 -15.24
CA ILE B 4 25.47 27.47 -16.38
C ILE B 4 23.96 27.61 -16.67
N LEU B 5 23.12 26.61 -16.33
CA LEU B 5 21.63 26.70 -16.40
C LEU B 5 21.03 26.67 -15.00
N PRO B 6 19.94 27.42 -14.73
CA PRO B 6 19.35 27.45 -13.40
C PRO B 6 18.41 26.24 -13.13
N ILE B 7 18.14 25.42 -14.15
CA ILE B 7 17.30 24.20 -14.02
C ILE B 7 18.14 22.94 -14.27
N ARG B 8 17.73 21.82 -13.67
CA ARG B 8 18.10 20.45 -14.08
C ARG B 8 16.89 19.82 -14.78
N PHE B 9 17.12 19.29 -15.98
CA PHE B 9 16.15 18.52 -16.77
C PHE B 9 16.52 17.04 -16.67
N GLN B 10 15.53 16.17 -16.45
CA GLN B 10 15.72 14.71 -16.30
C GLN B 10 14.59 14.02 -17.07
N GLU B 11 14.96 13.19 -18.03
CA GLU B 11 14.04 12.17 -18.59
C GLU B 11 14.01 10.99 -17.64
N HIS B 12 12.83 10.61 -17.15
CA HIS B 12 12.62 9.53 -16.17
C HIS B 12 12.30 8.22 -16.89
N LEU B 13 11.58 8.29 -18.01
CA LEU B 13 10.94 7.10 -18.61
C LEU B 13 10.45 7.45 -20.00
N GLN B 14 10.52 6.51 -20.94
CA GLN B 14 9.76 6.59 -22.23
C GLN B 14 8.68 5.51 -22.16
N LEU B 15 7.42 5.93 -22.05
CA LEU B 15 6.27 5.01 -21.83
C LEU B 15 6.18 4.03 -23.01
N GLN B 16 6.59 4.39 -24.23
CA GLN B 16 6.52 3.44 -25.38
C GLN B 16 7.43 2.23 -25.12
N ASN B 17 8.48 2.35 -24.30
CA ASN B 17 9.38 1.20 -24.00
C ASN B 17 8.71 0.25 -23.00
N LEU B 18 7.54 0.59 -22.48
CA LEU B 18 6.78 -0.26 -21.52
C LEU B 18 5.55 -0.83 -22.22
N GLY B 19 5.53 -0.82 -23.56
CA GLY B 19 4.45 -1.39 -24.38
C GLY B 19 3.23 -0.48 -24.49
N ILE B 20 3.37 0.82 -24.22
CA ILE B 20 2.20 1.77 -24.25
C ILE B 20 1.98 2.23 -25.70
N ASN B 21 0.76 2.06 -26.22
CA ASN B 21 0.34 2.57 -27.54
C ASN B 21 0.33 4.09 -27.48
N PRO B 22 1.08 4.79 -28.36
CA PRO B 22 1.11 6.25 -28.34
C PRO B 22 -0.28 6.89 -28.51
N ALA B 23 -1.24 6.20 -29.12
CA ALA B 23 -2.62 6.73 -29.30
C ALA B 23 -3.28 6.98 -27.92
N ASN B 24 -2.85 6.31 -26.86
CA ASN B 24 -3.45 6.43 -25.51
C ASN B 24 -2.65 7.39 -24.63
N ILE B 25 -1.65 8.08 -25.18
CA ILE B 25 -0.77 9.00 -24.41
C ILE B 25 -1.29 10.41 -24.66
N GLY B 26 -2.32 10.75 -23.88
CA GLY B 26 -3.04 12.02 -24.01
C GLY B 26 -3.93 12.24 -22.81
N PHE B 27 -4.53 13.43 -22.78
CA PHE B 27 -5.21 14.01 -21.62
C PHE B 27 -6.34 13.09 -21.13
N SER B 28 -7.13 12.49 -22.03
CA SER B 28 -8.36 11.77 -21.65
C SER B 28 -8.04 10.35 -21.14
N THR B 29 -6.85 9.81 -21.43
CA THR B 29 -6.57 8.37 -21.20
C THR B 29 -5.37 8.14 -20.27
N LEU B 30 -4.52 9.14 -20.05
CA LEU B 30 -3.33 8.99 -19.19
C LEU B 30 -3.42 9.99 -18.03
N THR B 31 -3.30 9.52 -16.80
CA THR B 31 -3.34 10.39 -15.61
C THR B 31 -2.06 10.20 -14.78
N MET B 32 -1.64 11.27 -14.13
CA MET B 32 -0.52 11.27 -13.17
C MET B 32 -0.88 12.26 -12.06
N GLU B 33 -1.52 11.75 -11.00
CA GLU B 33 -2.15 12.57 -9.93
C GLU B 33 -1.07 13.01 -8.96
N SER B 34 0.02 12.21 -8.89
CA SER B 34 1.25 12.47 -8.10
C SER B 34 2.39 11.81 -8.85
N ASP B 35 3.63 12.02 -8.41
CA ASP B 35 4.83 11.47 -9.08
C ASP B 35 4.98 9.98 -8.76
N LYS B 36 4.09 9.40 -7.94
CA LYS B 36 4.19 7.98 -7.52
C LYS B 36 3.71 7.02 -8.62
N PHE B 37 2.68 7.37 -9.41
CA PHE B 37 2.02 6.46 -10.39
C PHE B 37 1.58 7.20 -11.66
N ILE B 38 1.57 6.48 -12.77
CA ILE B 38 0.91 6.87 -14.06
C ILE B 38 -0.09 5.78 -14.39
N CYS B 39 -1.33 6.15 -14.70
CA CYS B 39 -2.39 5.21 -15.16
C CYS B 39 -2.79 5.56 -16.57
N ILE B 40 -2.87 4.55 -17.44
CA ILE B 40 -3.21 4.70 -18.87
C ILE B 40 -4.36 3.75 -19.18
N ARG B 41 -5.44 4.29 -19.74
CA ARG B 41 -6.59 3.52 -20.26
C ARG B 41 -6.25 3.14 -21.71
N GLU B 42 -6.25 1.86 -22.03
CA GLU B 42 -6.01 1.33 -23.40
C GLU B 42 -7.13 0.37 -23.76
N LYS B 43 -7.57 0.39 -25.02
CA LYS B 43 -8.33 -0.74 -25.62
C LYS B 43 -7.38 -1.62 -26.41
N VAL B 44 -7.19 -2.86 -25.95
CA VAL B 44 -6.34 -3.91 -26.60
C VAL B 44 -7.29 -4.95 -27.18
N GLY B 45 -7.26 -5.13 -28.51
CA GLY B 45 -8.31 -5.87 -29.24
C GLY B 45 -9.68 -5.30 -28.91
N GLU B 46 -10.56 -6.11 -28.33
CA GLU B 46 -11.95 -5.69 -27.98
C GLU B 46 -12.07 -5.58 -26.45
N GLN B 47 -10.96 -5.48 -25.72
CA GLN B 47 -10.98 -5.38 -24.24
C GLN B 47 -10.43 -4.04 -23.76
N ALA B 48 -11.22 -3.29 -22.97
CA ALA B 48 -10.78 -2.05 -22.28
C ALA B 48 -9.92 -2.41 -21.07
N GLN B 49 -8.80 -1.72 -20.89
CA GLN B 49 -7.80 -2.09 -19.85
C GLN B 49 -7.27 -0.82 -19.19
N VAL B 50 -6.67 -0.97 -18.01
CA VAL B 50 -5.86 0.11 -17.38
C VAL B 50 -4.45 -0.44 -17.18
N VAL B 51 -3.44 0.37 -17.47
CA VAL B 51 -2.03 0.08 -17.13
C VAL B 51 -1.68 0.96 -15.96
N ILE B 52 -1.23 0.36 -14.85
CA ILE B 52 -0.76 1.10 -13.64
C ILE B 52 0.76 0.97 -13.56
N ILE B 53 1.47 2.09 -13.76
CA ILE B 53 2.95 2.17 -13.70
C ILE B 53 3.36 2.72 -12.34
N ASP B 54 4.04 1.90 -11.56
CA ASP B 54 4.71 2.29 -10.29
C ASP B 54 6.00 3.03 -10.68
N MET B 55 6.07 4.33 -10.44
CA MET B 55 7.25 5.14 -10.85
C MET B 55 8.49 4.73 -10.04
N ASN B 56 8.35 4.01 -8.92
CA ASN B 56 9.51 3.45 -8.17
C ASN B 56 9.92 2.08 -8.74
N ASP B 57 9.12 1.48 -9.63
CA ASP B 57 9.34 0.12 -10.19
C ASP B 57 8.71 -0.01 -11.57
N PRO B 58 9.19 0.77 -12.57
CA PRO B 58 8.42 0.96 -13.81
C PRO B 58 8.33 -0.26 -14.72
N SER B 59 9.24 -1.24 -14.63
CA SER B 59 9.33 -2.32 -15.66
C SER B 59 8.24 -3.38 -15.43
N ASN B 60 7.57 -3.38 -14.28
CA ASN B 60 6.54 -4.39 -13.94
C ASN B 60 5.16 -3.72 -13.76
N PRO B 61 4.59 -3.10 -14.80
CA PRO B 61 3.29 -2.43 -14.64
C PRO B 61 2.19 -3.48 -14.42
N ILE B 62 1.14 -3.11 -13.70
CA ILE B 62 -0.12 -3.90 -13.64
C ILE B 62 -0.96 -3.54 -14.87
N ARG B 63 -1.42 -4.54 -15.61
CA ARG B 63 -2.38 -4.36 -16.73
C ARG B 63 -3.65 -5.16 -16.40
N ARG B 64 -4.77 -4.46 -16.23
CA ARG B 64 -6.02 -5.07 -15.71
C ARG B 64 -7.18 -4.69 -16.63
N PRO B 65 -8.15 -5.60 -16.84
CA PRO B 65 -9.38 -5.23 -17.55
C PRO B 65 -10.17 -4.18 -16.75
N ILE B 66 -10.74 -3.18 -17.44
CA ILE B 66 -11.65 -2.19 -16.80
C ILE B 66 -12.88 -1.96 -17.67
N SER B 67 -13.87 -1.30 -17.09
CA SER B 67 -15.05 -0.77 -17.83
C SER B 67 -15.27 0.69 -17.45
N ALA B 68 -14.23 1.40 -16.99
CA ALA B 68 -14.30 2.81 -16.53
C ALA B 68 -14.04 3.76 -17.70
N ASP B 69 -14.71 4.91 -17.72
CA ASP B 69 -14.40 6.04 -18.64
C ASP B 69 -13.20 6.85 -18.12
N SER B 70 -12.69 6.59 -16.90
CA SER B 70 -11.60 7.42 -16.32
C SER B 70 -10.98 6.70 -15.13
N ALA B 71 -9.65 6.83 -14.95
CA ALA B 71 -8.87 6.18 -13.87
C ALA B 71 -7.84 7.17 -13.29
N ILE B 72 -7.91 7.44 -11.98
CA ILE B 72 -6.98 8.36 -11.27
C ILE B 72 -6.54 7.68 -9.96
N MET B 73 -5.23 7.51 -9.81
CA MET B 73 -4.62 6.92 -8.60
C MET B 73 -4.60 8.02 -7.54
N ASN B 74 -4.87 7.64 -6.31
CA ASN B 74 -4.63 8.46 -5.11
C ASN B 74 -3.17 8.94 -5.14
N PRO B 75 -2.88 10.18 -4.69
CA PRO B 75 -1.53 10.72 -4.63
C PRO B 75 -0.55 9.98 -3.73
N ALA B 76 -1.02 9.39 -2.62
CA ALA B 76 -0.16 8.88 -1.53
C ALA B 76 -0.21 7.36 -1.42
N SER B 77 -1.14 6.68 -2.08
CA SER B 77 -1.45 5.25 -1.81
C SER B 77 -1.88 4.58 -3.11
N LYS B 78 -1.56 3.29 -3.25
CA LYS B 78 -1.90 2.48 -4.45
C LYS B 78 -3.39 2.14 -4.40
N VAL B 79 -4.21 3.19 -4.47
CA VAL B 79 -5.69 3.11 -4.35
C VAL B 79 -6.21 3.87 -5.58
N ILE B 80 -6.99 3.21 -6.42
CA ILE B 80 -7.43 3.79 -7.72
C ILE B 80 -8.91 4.19 -7.61
N ALA B 81 -9.24 5.38 -8.11
CA ALA B 81 -10.63 5.85 -8.29
C ALA B 81 -11.02 5.63 -9.76
N LEU B 82 -12.10 4.88 -9.99
CA LEU B 82 -12.61 4.54 -11.34
C LEU B 82 -14.05 5.07 -11.46
N LYS B 83 -14.44 5.60 -12.62
CA LYS B 83 -15.84 6.01 -12.84
C LYS B 83 -16.32 5.57 -14.22
N ALA B 84 -17.64 5.44 -14.34
CA ALA B 84 -18.40 5.18 -15.58
C ALA B 84 -19.68 6.00 -15.49
N GLY B 85 -19.69 7.16 -16.12
CA GLY B 85 -20.77 8.16 -16.01
C GLY B 85 -20.97 8.60 -14.58
N LYS B 86 -21.96 8.02 -13.89
CA LYS B 86 -22.42 8.42 -12.55
C LYS B 86 -21.82 7.48 -11.49
N THR B 87 -21.36 6.28 -11.87
CA THR B 87 -20.83 5.27 -10.93
C THR B 87 -19.36 5.59 -10.60
N LEU B 88 -19.08 5.84 -9.32
CA LEU B 88 -17.71 6.06 -8.79
C LEU B 88 -17.36 4.87 -7.91
N GLN B 89 -16.17 4.29 -8.07
CA GLN B 89 -15.68 3.20 -7.20
C GLN B 89 -14.23 3.48 -6.84
N ILE B 90 -13.83 3.06 -5.64
CA ILE B 90 -12.42 3.19 -5.19
C ILE B 90 -11.93 1.80 -4.80
N PHE B 91 -10.77 1.40 -5.30
CA PHE B 91 -10.19 0.06 -5.10
C PHE B 91 -8.80 0.21 -4.49
N ASN B 92 -8.51 -0.61 -3.49
CA ASN B 92 -7.13 -0.85 -2.98
C ASN B 92 -6.56 -1.93 -3.90
N ILE B 93 -5.56 -1.57 -4.70
CA ILE B 93 -5.00 -2.48 -5.73
C ILE B 93 -4.33 -3.67 -5.04
N GLU B 94 -3.55 -3.44 -3.99
CA GLU B 94 -2.79 -4.50 -3.26
C GLU B 94 -3.76 -5.45 -2.56
N MET B 95 -4.94 -4.99 -2.10
CA MET B 95 -5.94 -5.87 -1.45
C MET B 95 -6.95 -6.40 -2.50
N LYS B 96 -6.82 -5.97 -3.76
CA LYS B 96 -7.73 -6.41 -4.85
C LYS B 96 -9.19 -6.22 -4.42
N SER B 97 -9.50 -5.14 -3.73
CA SER B 97 -10.78 -4.96 -3.01
C SER B 97 -11.39 -3.59 -3.30
N LYS B 98 -12.70 -3.57 -3.55
CA LYS B 98 -13.51 -2.34 -3.63
C LYS B 98 -13.71 -1.77 -2.22
N MET B 99 -13.18 -0.59 -1.96
CA MET B 99 -13.16 0.02 -0.62
C MET B 99 -14.25 1.10 -0.51
N LYS B 100 -14.73 1.68 -1.61
CA LYS B 100 -15.83 2.67 -1.62
C LYS B 100 -16.56 2.59 -2.95
N ALA B 101 -17.83 2.99 -2.95
CA ALA B 101 -18.66 3.15 -4.15
C ALA B 101 -19.67 4.24 -3.85
N HIS B 102 -20.01 5.02 -4.87
CA HIS B 102 -21.06 6.06 -4.81
C HIS B 102 -21.58 6.29 -6.23
N THR B 103 -22.90 6.44 -6.37
CA THR B 103 -23.54 6.83 -7.64
C THR B 103 -24.04 8.26 -7.51
N MET B 104 -23.58 9.13 -8.42
CA MET B 104 -23.99 10.54 -8.50
C MET B 104 -25.32 10.61 -9.25
N THR B 105 -26.04 11.73 -9.11
CA THR B 105 -27.27 12.07 -9.86
C THR B 105 -26.89 12.47 -11.29
N ASP B 106 -25.73 13.13 -11.44
CA ASP B 106 -25.25 13.71 -12.72
C ASP B 106 -23.92 13.07 -13.11
N ASP B 107 -23.65 12.96 -14.41
CA ASP B 107 -22.36 12.48 -14.96
C ASP B 107 -21.23 13.33 -14.38
N VAL B 108 -20.20 12.67 -13.85
CA VAL B 108 -18.96 13.37 -13.42
C VAL B 108 -18.05 13.45 -14.65
N THR B 109 -17.86 14.66 -15.19
CA THR B 109 -17.18 14.91 -16.49
C THR B 109 -15.68 15.09 -16.28
N PHE B 110 -15.28 15.54 -15.08
CA PHE B 110 -13.88 15.74 -14.66
C PHE B 110 -13.76 15.40 -13.18
N TRP B 111 -12.67 14.75 -12.78
CA TRP B 111 -12.34 14.56 -11.35
C TRP B 111 -10.83 14.48 -11.18
N LYS B 112 -10.39 14.89 -9.99
CA LYS B 112 -8.97 14.92 -9.60
C LYS B 112 -8.88 14.83 -8.06
N TRP B 113 -7.89 14.09 -7.59
CA TRP B 113 -7.49 14.06 -6.16
C TRP B 113 -6.91 15.43 -5.79
N ILE B 114 -7.40 16.04 -4.71
CA ILE B 114 -6.87 17.35 -4.23
C ILE B 114 -6.04 17.13 -2.98
N SER B 115 -5.93 15.89 -2.49
CA SER B 115 -5.19 15.51 -1.26
C SER B 115 -5.15 13.99 -1.17
N LEU B 116 -4.44 13.46 -0.20
CA LEU B 116 -4.32 12.00 0.01
C LEU B 116 -5.66 11.40 0.52
N ASN B 117 -6.68 12.20 0.87
CA ASN B 117 -7.97 11.65 1.37
C ASN B 117 -9.20 12.25 0.67
N THR B 118 -9.07 13.16 -0.29
CA THR B 118 -10.26 13.81 -0.91
C THR B 118 -10.14 13.85 -2.43
N VAL B 119 -11.19 13.37 -3.10
CA VAL B 119 -11.35 13.49 -4.58
C VAL B 119 -12.39 14.58 -4.87
N ALA B 120 -12.07 15.45 -5.84
CA ALA B 120 -12.95 16.52 -6.33
C ALA B 120 -13.73 15.98 -7.53
N LEU B 121 -15.05 16.18 -7.56
CA LEU B 121 -15.92 15.76 -8.68
C LEU B 121 -16.46 17.01 -9.37
N VAL B 122 -16.38 17.03 -10.69
CA VAL B 122 -17.02 18.09 -11.51
C VAL B 122 -18.14 17.45 -12.33
N THR B 123 -19.35 17.98 -12.19
CA THR B 123 -20.49 17.73 -13.11
C THR B 123 -20.63 18.95 -14.01
N ASP B 124 -21.58 18.90 -14.95
CA ASP B 124 -21.94 20.05 -15.83
C ASP B 124 -22.30 21.26 -14.97
N ASN B 125 -22.80 21.06 -13.74
CA ASN B 125 -23.46 22.13 -12.95
C ASN B 125 -22.72 22.43 -11.63
N ALA B 126 -21.86 21.54 -11.11
CA ALA B 126 -21.39 21.67 -9.72
C ALA B 126 -20.04 20.99 -9.49
N VAL B 127 -19.35 21.43 -8.45
CA VAL B 127 -18.12 20.79 -7.95
C VAL B 127 -18.41 20.23 -6.55
N TYR B 128 -18.01 18.97 -6.34
CA TYR B 128 -18.12 18.28 -5.02
C TYR B 128 -16.74 17.88 -4.50
N HIS B 129 -16.63 17.74 -3.18
CA HIS B 129 -15.48 17.08 -2.49
C HIS B 129 -15.97 15.76 -1.90
N TRP B 130 -15.27 14.67 -2.21
CA TRP B 130 -15.57 13.33 -1.65
C TRP B 130 -14.40 12.84 -0.80
N SER B 131 -14.56 12.92 0.53
CA SER B 131 -13.59 12.43 1.53
C SER B 131 -13.63 10.91 1.58
N MET B 132 -12.46 10.28 1.74
CA MET B 132 -12.34 8.80 1.92
C MET B 132 -12.61 8.41 3.38
N GLU B 133 -12.89 9.37 4.29
CA GLU B 133 -13.10 9.06 5.73
C GLU B 133 -14.49 8.44 5.95
N GLY B 134 -14.55 7.17 6.32
CA GLY B 134 -15.74 6.48 6.85
C GLY B 134 -16.92 6.54 5.90
N GLU B 135 -18.04 7.05 6.42
CA GLU B 135 -19.35 7.11 5.72
C GLU B 135 -19.46 8.35 4.81
N SER B 136 -18.41 9.16 4.73
CA SER B 136 -18.36 10.40 3.92
C SER B 136 -18.89 10.13 2.51
N GLN B 137 -19.81 10.96 2.03
CA GLN B 137 -20.32 10.95 0.64
C GLN B 137 -19.98 12.30 0.03
N PRO B 138 -20.02 12.44 -1.32
CA PRO B 138 -19.71 13.72 -1.96
C PRO B 138 -20.58 14.85 -1.39
N VAL B 139 -19.91 15.94 -1.02
CA VAL B 139 -20.49 17.23 -0.54
C VAL B 139 -20.31 18.25 -1.67
N LYS B 140 -21.39 18.88 -2.11
CA LYS B 140 -21.34 20.00 -3.09
C LYS B 140 -20.58 21.16 -2.45
N MET B 141 -19.58 21.71 -3.14
CA MET B 141 -18.79 22.87 -2.67
C MET B 141 -19.32 24.16 -3.30
N PHE B 142 -19.66 24.16 -4.59
CA PHE B 142 -20.24 25.35 -5.30
C PHE B 142 -20.91 24.90 -6.59
N ASP B 143 -21.78 25.78 -7.09
CA ASP B 143 -22.41 25.69 -8.42
C ASP B 143 -21.43 26.27 -9.44
N ARG B 144 -21.38 25.68 -10.64
CA ARG B 144 -20.48 26.18 -11.72
C ARG B 144 -21.03 27.51 -12.25
N HIS B 145 -20.13 28.46 -12.52
CA HIS B 145 -20.43 29.81 -13.07
C HIS B 145 -20.76 29.67 -14.56
N SER B 146 -21.71 30.46 -15.05
CA SER B 146 -22.20 30.38 -16.45
C SER B 146 -21.02 30.54 -17.43
N SER B 147 -19.95 31.23 -17.03
CA SER B 147 -18.78 31.57 -17.89
C SER B 147 -18.01 30.31 -18.31
N LEU B 148 -18.18 29.17 -17.61
CA LEU B 148 -17.49 27.89 -17.94
C LEU B 148 -18.42 26.96 -18.70
N ALA B 149 -19.67 27.38 -18.97
CA ALA B 149 -20.68 26.57 -19.70
C ALA B 149 -20.13 26.18 -21.07
N GLY B 150 -20.10 24.87 -21.37
CA GLY B 150 -19.61 24.31 -22.64
C GLY B 150 -18.09 24.24 -22.76
N CYS B 151 -17.34 24.56 -21.71
CA CYS B 151 -15.86 24.44 -21.68
C CYS B 151 -15.45 22.98 -21.51
N GLN B 152 -14.31 22.62 -22.10
CA GLN B 152 -13.57 21.40 -21.68
C GLN B 152 -12.92 21.74 -20.33
N ILE B 153 -13.30 21.02 -19.26
CA ILE B 153 -12.68 21.16 -17.91
C ILE B 153 -11.29 20.51 -17.97
N ILE B 154 -10.26 21.23 -17.54
CA ILE B 154 -8.83 20.77 -17.65
C ILE B 154 -8.16 20.71 -16.29
N ASN B 155 -8.71 21.36 -15.26
CA ASN B 155 -8.07 21.36 -13.94
C ASN B 155 -9.05 21.77 -12.84
N TYR B 156 -8.80 21.27 -11.64
CA TYR B 156 -9.41 21.71 -10.38
C TYR B 156 -8.34 21.62 -9.31
N ARG B 157 -8.16 22.66 -8.50
CA ARG B 157 -7.19 22.59 -7.40
C ARG B 157 -7.55 23.60 -6.33
N THR B 158 -6.87 23.54 -5.17
CA THR B 158 -7.21 24.31 -3.95
C THR B 158 -5.94 24.86 -3.33
N ASP B 159 -6.09 25.81 -2.40
CA ASP B 159 -4.99 26.19 -1.49
C ASP B 159 -4.79 25.05 -0.47
N ALA B 160 -3.73 25.10 0.31
CA ALA B 160 -3.40 24.05 1.30
C ALA B 160 -4.58 23.85 2.27
N LYS B 161 -5.24 24.94 2.71
CA LYS B 161 -6.34 24.90 3.72
C LYS B 161 -7.70 24.58 3.08
N GLN B 162 -7.78 24.38 1.76
CA GLN B 162 -9.03 24.06 1.02
C GLN B 162 -10.10 25.12 1.29
N LYS B 163 -9.70 26.39 1.41
CA LYS B 163 -10.60 27.55 1.60
C LYS B 163 -10.76 28.30 0.27
N TRP B 164 -9.85 28.09 -0.69
CA TRP B 164 -9.87 28.74 -2.03
C TRP B 164 -9.86 27.64 -3.08
N LEU B 165 -10.92 27.57 -3.89
CA LEU B 165 -11.17 26.48 -4.87
C LEU B 165 -11.13 27.06 -6.28
N LEU B 166 -10.37 26.46 -7.18
CA LEU B 166 -10.23 26.97 -8.57
C LEU B 166 -10.56 25.88 -9.57
N LEU B 167 -11.58 26.13 -10.38
CA LEU B 167 -12.01 25.30 -11.53
C LEU B 167 -11.55 26.00 -12.82
N THR B 168 -10.88 25.28 -13.70
CA THR B 168 -10.39 25.80 -15.01
C THR B 168 -10.97 24.99 -16.16
N GLY B 169 -11.54 25.69 -17.16
CA GLY B 169 -11.94 25.12 -18.46
C GLY B 169 -11.34 25.90 -19.61
N ILE B 170 -11.42 25.36 -20.81
CA ILE B 170 -10.99 26.07 -22.05
C ILE B 170 -12.06 25.86 -23.10
N SER B 171 -12.17 26.78 -24.04
CA SER B 171 -13.00 26.63 -25.26
C SER B 171 -12.31 27.35 -26.43
N ALA B 172 -12.65 26.95 -27.65
CA ALA B 172 -12.32 27.64 -28.91
C ALA B 172 -13.30 28.80 -29.11
N GLN B 173 -12.82 30.03 -28.92
CA GLN B 173 -13.58 31.30 -29.09
C GLN B 173 -12.63 32.36 -29.65
N GLN B 174 -13.13 33.28 -30.48
CA GLN B 174 -12.31 34.40 -31.01
C GLN B 174 -11.17 33.81 -31.85
N ASN B 175 -11.37 32.60 -32.41
CA ASN B 175 -10.37 31.88 -33.23
C ASN B 175 -9.12 31.53 -32.41
N ARG B 176 -9.21 31.40 -31.08
CA ARG B 176 -8.08 30.90 -30.25
C ARG B 176 -8.61 30.03 -29.10
N VAL B 177 -7.73 29.52 -28.23
CA VAL B 177 -8.13 28.76 -27.01
C VAL B 177 -8.17 29.76 -25.85
N VAL B 178 -9.39 30.07 -25.38
CA VAL B 178 -9.68 30.98 -24.24
C VAL B 178 -9.80 30.13 -22.98
N GLY B 179 -9.05 30.46 -21.93
CA GLY B 179 -9.19 29.87 -20.59
C GLY B 179 -10.22 30.58 -19.73
N ALA B 180 -11.13 29.83 -19.10
CA ALA B 180 -12.18 30.34 -18.19
C ALA B 180 -11.99 29.69 -16.83
N MET B 181 -11.76 30.50 -15.79
CA MET B 181 -11.54 30.02 -14.41
C MET B 181 -12.66 30.54 -13.50
N GLN B 182 -13.06 29.72 -12.53
CA GLN B 182 -13.95 30.05 -11.39
C GLN B 182 -13.14 29.88 -10.11
N LEU B 183 -12.78 30.98 -9.48
CA LEU B 183 -12.23 31.04 -8.10
C LEU B 183 -13.43 31.13 -7.16
N TYR B 184 -13.52 30.22 -6.19
CA TYR B 184 -14.61 30.15 -5.19
C TYR B 184 -13.97 30.23 -3.81
N SER B 185 -14.42 31.20 -3.01
CA SER B 185 -14.10 31.35 -1.57
C SER B 185 -15.12 30.54 -0.75
N VAL B 186 -14.65 29.57 0.03
CA VAL B 186 -15.49 28.72 0.92
C VAL B 186 -16.15 29.62 1.98
N ASP B 187 -15.36 30.48 2.64
CA ASP B 187 -15.80 31.36 3.75
C ASP B 187 -16.78 32.42 3.23
N ARG B 188 -16.46 33.10 2.12
CA ARG B 188 -17.29 34.22 1.61
C ARG B 188 -18.47 33.69 0.78
N LYS B 189 -18.42 32.41 0.36
CA LYS B 189 -19.45 31.77 -0.50
C LYS B 189 -19.68 32.60 -1.76
N VAL B 190 -18.60 33.07 -2.39
CA VAL B 190 -18.68 33.89 -3.65
C VAL B 190 -17.69 33.34 -4.68
N SER B 191 -18.10 33.34 -5.95
CA SER B 191 -17.28 32.96 -7.13
C SER B 191 -16.78 34.23 -7.83
N GLN B 192 -15.58 34.19 -8.40
CA GLN B 192 -15.09 35.23 -9.34
C GLN B 192 -14.63 34.58 -10.63
N PRO B 193 -15.26 34.90 -11.78
CA PRO B 193 -14.77 34.45 -13.08
C PRO B 193 -13.48 35.19 -13.43
N ILE B 194 -12.51 34.44 -13.97
CA ILE B 194 -11.18 34.99 -14.35
C ILE B 194 -10.79 34.32 -15.66
N GLU B 195 -10.37 35.09 -16.67
CA GLU B 195 -9.84 34.54 -17.93
C GLU B 195 -8.41 34.09 -17.64
N GLY B 196 -8.16 32.79 -17.66
CA GLY B 196 -6.91 32.19 -17.18
C GLY B 196 -6.74 30.80 -17.77
N HIS B 197 -5.50 30.38 -18.02
CA HIS B 197 -5.17 29.11 -18.69
C HIS B 197 -4.68 28.06 -17.68
N ALA B 198 -3.75 28.43 -16.78
CA ALA B 198 -3.11 27.54 -15.80
C ALA B 198 -2.84 28.33 -14.52
N ALA B 199 -2.91 27.63 -13.38
CA ALA B 199 -2.86 28.26 -12.05
C ALA B 199 -2.35 27.31 -10.97
N SER B 200 -1.89 27.86 -9.84
CA SER B 200 -1.58 27.10 -8.61
C SER B 200 -1.70 28.02 -7.40
N PHE B 201 -1.99 27.47 -6.22
CA PHE B 201 -1.85 28.18 -4.94
C PHE B 201 -0.44 27.89 -4.42
N ALA B 202 0.07 28.69 -3.50
CA ALA B 202 1.33 28.42 -2.77
C ALA B 202 1.30 29.14 -1.42
N GLN B 203 2.06 28.61 -0.47
CA GLN B 203 2.31 29.23 0.85
C GLN B 203 3.64 29.98 0.75
N PHE B 204 3.68 31.29 1.03
CA PHE B 204 4.92 32.12 0.96
C PHE B 204 5.08 32.98 2.23
N LYS B 205 6.18 32.80 2.95
CA LYS B 205 6.54 33.69 4.10
C LYS B 205 7.36 34.87 3.59
N MET B 206 6.77 36.07 3.66
CA MET B 206 7.48 37.35 3.38
C MET B 206 8.47 37.64 4.51
N GLU B 207 9.60 38.29 4.17
CA GLU B 207 10.63 38.70 5.17
C GLU B 207 9.96 39.60 6.21
N GLY B 208 10.08 39.25 7.50
CA GLY B 208 9.59 40.08 8.62
C GLY B 208 8.18 39.70 9.05
N ASN B 209 7.40 39.01 8.20
CA ASN B 209 6.10 38.40 8.57
C ASN B 209 6.38 37.16 9.43
N ALA B 210 5.60 36.95 10.49
CA ALA B 210 5.69 35.76 11.38
C ALA B 210 5.03 34.56 10.69
N GLU B 211 4.05 34.80 9.81
CA GLU B 211 3.17 33.76 9.21
C GLU B 211 3.31 33.74 7.69
N GLU B 212 2.97 32.61 7.07
CA GLU B 212 2.89 32.45 5.59
C GLU B 212 1.68 33.21 5.06
N SER B 213 1.81 33.77 3.86
CA SER B 213 0.70 34.31 3.03
C SER B 213 0.19 33.17 2.14
N THR B 214 -1.11 33.12 1.82
CA THR B 214 -1.67 32.19 0.81
C THR B 214 -1.78 32.94 -0.53
N LEU B 215 -1.00 32.50 -1.52
CA LEU B 215 -0.90 33.19 -2.85
C LEU B 215 -1.66 32.39 -3.90
N PHE B 216 -2.33 33.11 -4.79
CA PHE B 216 -2.99 32.61 -6.00
C PHE B 216 -2.17 33.12 -7.19
N CYS B 217 -1.63 32.19 -7.97
CA CYS B 217 -0.80 32.50 -9.16
C CYS B 217 -1.49 31.90 -10.38
N PHE B 218 -1.83 32.73 -11.37
CA PHE B 218 -2.40 32.25 -12.65
C PHE B 218 -1.68 32.91 -13.84
N ALA B 219 -1.57 32.15 -14.93
CA ALA B 219 -0.99 32.60 -16.21
C ALA B 219 -2.07 32.51 -17.29
N VAL B 220 -2.10 33.52 -18.18
CA VAL B 220 -3.11 33.59 -19.27
C VAL B 220 -2.42 34.12 -20.55
N ARG B 221 -2.84 33.66 -21.71
CA ARG B 221 -2.61 34.41 -22.97
C ARG B 221 -3.97 34.96 -23.40
N GLY B 222 -4.05 36.29 -23.52
CA GLY B 222 -5.32 37.02 -23.66
C GLY B 222 -5.44 37.66 -25.02
N GLN B 223 -6.39 38.61 -25.14
CA GLN B 223 -6.49 39.55 -26.29
C GLN B 223 -5.20 40.37 -26.42
N ALA B 224 -4.45 40.56 -25.33
CA ALA B 224 -3.32 41.52 -25.18
C ALA B 224 -1.93 40.86 -25.32
N GLY B 225 -1.80 39.57 -25.04
CA GLY B 225 -0.51 38.87 -24.91
C GLY B 225 -0.53 38.01 -23.67
N GLY B 226 0.62 37.49 -23.21
CA GLY B 226 0.69 36.62 -22.02
C GLY B 226 0.91 37.41 -20.75
N LYS B 227 0.27 37.03 -19.65
CA LYS B 227 0.50 37.67 -18.32
C LYS B 227 0.48 36.62 -17.21
N LEU B 228 1.34 36.79 -16.21
CA LEU B 228 1.35 35.98 -14.96
C LEU B 228 1.03 36.90 -13.77
N HIS B 229 0.07 36.48 -12.95
CA HIS B 229 -0.42 37.24 -11.77
C HIS B 229 -0.12 36.41 -10.52
N ILE B 230 0.47 37.05 -9.50
CA ILE B 230 0.66 36.50 -8.13
C ILE B 230 -0.08 37.43 -7.17
N ILE B 231 -1.20 36.96 -6.60
CA ILE B 231 -2.02 37.76 -5.64
C ILE B 231 -2.25 36.94 -4.36
N GLU B 232 -2.17 37.62 -3.21
CA GLU B 232 -2.63 37.10 -1.89
C GLU B 232 -4.15 36.98 -1.93
N VAL B 233 -4.69 35.81 -1.59
CA VAL B 233 -6.16 35.57 -1.48
C VAL B 233 -6.53 35.52 -0.01
N GLY B 234 -7.68 36.10 0.34
CA GLY B 234 -8.21 36.16 1.72
C GLY B 234 -7.45 37.16 2.58
N THR B 235 -7.75 37.15 3.88
CA THR B 235 -7.25 38.16 4.83
C THR B 235 -5.85 37.75 5.24
N PRO B 236 -4.85 38.65 5.18
CA PRO B 236 -3.52 38.33 5.70
C PRO B 236 -3.64 37.85 7.14
N PRO B 237 -2.82 36.88 7.60
CA PRO B 237 -2.81 36.53 9.02
C PRO B 237 -2.55 37.79 9.88
N THR B 238 -3.14 37.83 11.07
CA THR B 238 -2.95 38.91 12.07
C THR B 238 -1.46 39.21 12.21
N GLY B 239 -1.07 40.48 12.02
CA GLY B 239 0.31 40.95 12.23
C GLY B 239 1.16 40.82 10.97
N ASN B 240 0.61 40.26 9.89
CA ASN B 240 1.30 40.10 8.58
C ASN B 240 1.10 41.37 7.74
N GLN B 241 2.16 41.86 7.10
CA GLN B 241 2.02 42.84 6.00
C GLN B 241 1.41 42.11 4.81
N PRO B 242 0.58 42.79 3.98
CA PRO B 242 -0.03 42.15 2.82
C PRO B 242 1.05 41.86 1.76
N PHE B 243 0.85 40.82 0.95
CA PHE B 243 1.71 40.54 -0.23
C PHE B 243 1.33 41.56 -1.30
N PRO B 244 2.24 42.46 -1.75
CA PRO B 244 1.92 43.34 -2.86
C PRO B 244 1.73 42.49 -4.13
N LYS B 245 0.58 42.63 -4.77
CA LYS B 245 0.21 41.84 -5.96
C LYS B 245 1.26 42.07 -7.05
N LYS B 246 1.66 40.99 -7.74
CA LYS B 246 2.61 41.02 -8.88
C LYS B 246 1.85 40.74 -10.17
N ALA B 247 2.27 41.39 -11.25
CA ALA B 247 1.79 41.13 -12.63
C ALA B 247 3.00 41.24 -13.55
N VAL B 248 3.31 40.17 -14.29
CA VAL B 248 4.46 40.16 -15.25
C VAL B 248 4.01 39.59 -16.59
N ASP B 249 4.74 39.95 -17.65
CA ASP B 249 4.55 39.44 -19.03
C ASP B 249 4.93 37.95 -19.03
N VAL B 250 4.20 37.18 -19.81
CA VAL B 250 4.58 35.80 -20.24
C VAL B 250 4.86 35.89 -21.75
N PHE B 251 6.12 35.72 -22.12
CA PHE B 251 6.58 35.86 -23.52
C PHE B 251 6.24 34.60 -24.29
N PHE B 252 5.70 34.81 -25.50
CA PHE B 252 5.58 33.78 -26.55
C PHE B 252 6.42 34.24 -27.74
N PRO B 253 7.41 33.45 -28.17
CA PRO B 253 8.25 33.84 -29.30
C PRO B 253 7.41 33.92 -30.58
N PRO B 254 7.89 34.61 -31.62
CA PRO B 254 7.08 34.94 -32.79
C PRO B 254 6.44 33.74 -33.49
N GLU B 255 7.11 32.59 -33.52
CA GLU B 255 6.64 31.40 -34.29
C GLU B 255 5.71 30.54 -33.41
N ALA B 256 5.35 30.98 -32.18
CA ALA B 256 4.47 30.23 -31.24
C ALA B 256 3.11 30.93 -31.10
N GLN B 257 2.52 31.31 -32.23
CA GLN B 257 1.31 32.17 -32.37
CA GLN B 257 1.34 32.22 -32.25
C GLN B 257 0.11 31.52 -31.65
N ASN B 258 0.04 30.17 -31.68
CA ASN B 258 -1.12 29.44 -31.11
C ASN B 258 -0.73 28.78 -29.78
N ASP B 259 0.41 29.14 -29.21
CA ASP B 259 0.87 28.62 -27.90
C ASP B 259 0.10 29.33 -26.78
N PHE B 260 -0.06 28.65 -25.63
CA PHE B 260 -0.73 29.18 -24.41
C PHE B 260 -0.33 28.31 -23.22
N PRO B 261 -0.44 28.80 -21.97
CA PRO B 261 -0.03 28.01 -20.81
C PRO B 261 -0.94 26.79 -20.61
N VAL B 262 -0.39 25.62 -20.24
CA VAL B 262 -1.20 24.37 -20.00
C VAL B 262 -0.87 23.74 -18.64
N ALA B 263 0.16 24.18 -17.92
CA ALA B 263 0.57 23.51 -16.67
C ALA B 263 1.35 24.49 -15.79
N MET B 264 1.12 24.40 -14.48
CA MET B 264 1.82 25.19 -13.44
C MET B 264 1.94 24.31 -12.19
N GLN B 265 3.14 24.31 -11.58
CA GLN B 265 3.41 23.78 -10.23
C GLN B 265 4.37 24.78 -9.55
N ILE B 266 4.28 24.95 -8.24
CA ILE B 266 5.14 25.93 -7.52
C ILE B 266 5.96 25.16 -6.49
N SER B 267 7.29 25.36 -6.51
CA SER B 267 8.24 24.80 -5.52
C SER B 267 8.04 25.46 -4.16
N GLU B 268 7.64 24.65 -3.17
CA GLU B 268 7.53 25.09 -1.74
C GLU B 268 8.94 25.42 -1.22
N LYS B 269 9.95 24.65 -1.60
CA LYS B 269 11.33 24.81 -1.09
C LYS B 269 11.99 26.08 -1.69
N HIS B 270 11.83 26.34 -2.99
CA HIS B 270 12.58 27.41 -3.74
C HIS B 270 11.70 28.62 -4.06
N ASP B 271 10.40 28.57 -3.79
CA ASP B 271 9.43 29.65 -4.07
C ASP B 271 9.64 30.11 -5.52
N VAL B 272 9.56 29.16 -6.47
CA VAL B 272 9.56 29.45 -7.94
C VAL B 272 8.34 28.77 -8.56
N VAL B 273 7.70 29.49 -9.48
CA VAL B 273 6.58 29.03 -10.33
C VAL B 273 7.18 28.36 -11.57
N PHE B 274 6.77 27.12 -11.84
CA PHE B 274 7.05 26.38 -13.09
C PHE B 274 5.85 26.55 -14.01
N LEU B 275 6.00 27.18 -15.17
CA LEU B 275 4.90 27.32 -16.16
C LEU B 275 5.32 26.54 -17.42
N ILE B 276 4.44 25.71 -17.94
CA ILE B 276 4.69 24.92 -19.18
C ILE B 276 3.56 25.30 -20.14
N THR B 277 3.95 25.59 -21.38
CA THR B 277 3.04 25.96 -22.49
C THR B 277 2.74 24.73 -23.32
N LYS B 278 1.66 24.79 -24.10
CA LYS B 278 1.23 23.71 -25.04
C LYS B 278 2.39 23.29 -25.95
N TYR B 279 3.15 24.21 -26.54
CA TYR B 279 4.20 23.89 -27.54
C TYR B 279 5.45 23.32 -26.85
N GLY B 280 5.50 23.34 -25.51
CA GLY B 280 6.48 22.61 -24.69
C GLY B 280 7.59 23.51 -24.14
N TYR B 281 7.30 24.82 -23.96
CA TYR B 281 8.20 25.79 -23.31
C TYR B 281 7.99 25.71 -21.79
N ILE B 282 9.08 25.74 -21.04
CA ILE B 282 9.05 25.91 -19.56
C ILE B 282 9.54 27.32 -19.26
N HIS B 283 8.90 27.94 -18.28
CA HIS B 283 9.25 29.27 -17.71
C HIS B 283 9.44 29.07 -16.20
N LEU B 284 10.47 29.68 -15.61
CA LEU B 284 10.66 29.81 -14.14
C LEU B 284 10.38 31.28 -13.78
N TYR B 285 9.49 31.51 -12.83
CA TYR B 285 9.23 32.84 -12.21
C TYR B 285 9.49 32.77 -10.70
N ASP B 286 10.20 33.76 -10.16
CA ASP B 286 10.32 34.00 -8.71
C ASP B 286 8.91 34.27 -8.17
N LEU B 287 8.46 33.50 -7.19
CA LEU B 287 7.14 33.68 -6.53
C LEU B 287 7.11 35.07 -5.83
N GLU B 288 8.22 35.50 -5.22
CA GLU B 288 8.25 36.75 -4.41
C GLU B 288 8.01 37.97 -5.32
N THR B 289 8.82 38.15 -6.37
CA THR B 289 8.82 39.36 -7.24
C THR B 289 8.10 39.11 -8.58
N GLY B 290 7.96 37.85 -8.99
CA GLY B 290 7.37 37.51 -10.30
C GLY B 290 8.39 37.61 -11.43
N THR B 291 9.64 37.99 -11.14
CA THR B 291 10.73 38.08 -12.14
C THR B 291 10.88 36.73 -12.87
N CYS B 292 10.88 36.75 -14.20
CA CYS B 292 11.18 35.57 -15.05
C CYS B 292 12.67 35.22 -14.91
N ILE B 293 12.94 34.03 -14.38
CA ILE B 293 14.33 33.52 -14.13
C ILE B 293 14.82 32.80 -15.40
N TYR B 294 13.95 32.08 -16.13
CA TYR B 294 14.39 31.16 -17.20
C TYR B 294 13.21 30.85 -18.14
N MET B 295 13.53 30.66 -19.42
CA MET B 295 12.57 30.20 -20.46
C MET B 295 13.33 29.32 -21.45
N ASN B 296 12.73 28.22 -21.89
CA ASN B 296 13.39 27.33 -22.88
C ASN B 296 12.39 26.26 -23.30
N ARG B 297 12.50 25.79 -24.53
CA ARG B 297 11.65 24.68 -25.02
C ARG B 297 12.28 23.38 -24.55
N ILE B 298 11.63 22.63 -23.65
CA ILE B 298 12.17 21.35 -23.09
C ILE B 298 11.50 20.16 -23.78
N SER B 299 10.45 20.36 -24.58
CA SER B 299 9.70 19.28 -25.26
C SER B 299 9.17 19.77 -26.62
N GLY B 300 9.33 18.97 -27.69
CA GLY B 300 8.72 19.25 -29.00
C GLY B 300 7.25 18.89 -29.02
N GLU B 301 6.80 18.16 -28.01
CA GLU B 301 5.41 17.65 -27.91
C GLU B 301 4.78 18.22 -26.62
N THR B 302 3.46 18.43 -26.64
CA THR B 302 2.68 18.97 -25.49
C THR B 302 2.93 18.11 -24.24
N ILE B 303 3.34 18.75 -23.15
CA ILE B 303 3.29 18.17 -21.79
C ILE B 303 1.87 18.43 -21.26
N PHE B 304 1.03 17.39 -21.27
CA PHE B 304 -0.43 17.58 -21.10
C PHE B 304 -0.82 17.28 -19.65
N VAL B 305 0.06 16.68 -18.85
CA VAL B 305 -0.21 16.36 -17.42
C VAL B 305 1.07 16.62 -16.60
N THR B 306 0.92 17.23 -15.43
CA THR B 306 2.06 17.49 -14.53
C THR B 306 1.68 17.21 -13.09
N ALA B 307 2.69 17.01 -12.27
CA ALA B 307 2.55 16.80 -10.81
C ALA B 307 3.76 17.43 -10.13
N PRO B 308 3.66 17.80 -8.84
CA PRO B 308 4.83 18.20 -8.07
C PRO B 308 5.85 17.05 -8.08
N HIS B 309 7.13 17.36 -8.23
CA HIS B 309 8.21 16.34 -8.17
C HIS B 309 8.83 16.39 -6.77
N GLU B 310 8.30 15.53 -5.87
CA GLU B 310 8.50 15.62 -4.41
C GLU B 310 10.01 15.69 -4.08
N ALA B 311 10.81 14.78 -4.64
CA ALA B 311 12.22 14.53 -4.30
C ALA B 311 13.10 15.76 -4.59
N THR B 312 12.71 16.59 -5.56
CA THR B 312 13.51 17.74 -6.08
C THR B 312 12.77 19.06 -5.84
N ALA B 313 11.56 19.04 -5.28
CA ALA B 313 10.63 20.19 -5.20
C ALA B 313 10.52 20.86 -6.58
N GLY B 314 10.39 20.03 -7.63
CA GLY B 314 10.24 20.49 -9.01
C GLY B 314 8.90 20.11 -9.61
N ILE B 315 8.89 19.90 -10.92
CA ILE B 315 7.65 19.60 -11.72
C ILE B 315 7.97 18.39 -12.58
N ILE B 316 7.08 17.41 -12.62
CA ILE B 316 7.25 16.22 -13.48
C ILE B 316 6.03 16.18 -14.38
N GLY B 317 6.22 15.75 -15.63
CA GLY B 317 5.13 15.73 -16.61
C GLY B 317 5.31 14.63 -17.64
N VAL B 318 4.24 14.41 -18.40
CA VAL B 318 4.20 13.44 -19.51
C VAL B 318 3.84 14.19 -20.80
N ASN B 319 4.59 13.96 -21.88
CA ASN B 319 4.30 14.57 -23.19
C ASN B 319 3.61 13.52 -24.09
N ARG B 320 3.08 13.97 -25.22
CA ARG B 320 2.23 13.16 -26.13
C ARG B 320 3.04 12.00 -26.72
N LYS B 321 4.37 12.11 -26.71
CA LYS B 321 5.30 11.08 -27.24
C LYS B 321 5.53 10.00 -26.17
N GLY B 322 5.17 10.27 -24.91
CA GLY B 322 5.31 9.30 -23.80
C GLY B 322 6.58 9.55 -23.02
N GLN B 323 7.23 10.68 -23.26
CA GLN B 323 8.41 11.08 -22.44
C GLN B 323 7.92 11.57 -21.08
N VAL B 324 8.42 10.98 -20.01
CA VAL B 324 8.15 11.43 -18.63
C VAL B 324 9.39 12.24 -18.25
N LEU B 325 9.22 13.55 -18.07
CA LEU B 325 10.37 14.44 -17.78
C LEU B 325 10.09 15.27 -16.53
N SER B 326 11.15 15.70 -15.85
CA SER B 326 11.09 16.57 -14.67
C SER B 326 12.02 17.76 -14.85
N VAL B 327 11.63 18.89 -14.26
CA VAL B 327 12.46 20.10 -14.15
C VAL B 327 12.45 20.54 -12.68
N CYS B 328 13.61 20.84 -12.14
CA CYS B 328 13.75 21.52 -10.82
C CYS B 328 14.83 22.60 -10.92
N VAL B 329 14.88 23.47 -9.91
CA VAL B 329 15.98 24.43 -9.69
C VAL B 329 17.27 23.60 -9.54
N GLU B 330 18.29 23.94 -10.32
CA GLU B 330 19.69 23.46 -10.09
C GLU B 330 20.32 24.35 -9.02
N GLU B 331 20.39 23.84 -7.79
CA GLU B 331 20.85 24.60 -6.58
C GLU B 331 22.29 25.11 -6.77
N GLU B 332 23.14 24.39 -7.50
CA GLU B 332 24.56 24.78 -7.73
C GLU B 332 24.63 26.02 -8.63
N ASN B 333 23.65 26.22 -9.52
CA ASN B 333 23.81 27.13 -10.68
C ASN B 333 22.91 28.36 -10.58
N ILE B 334 21.80 28.31 -9.86
CA ILE B 334 20.71 29.34 -9.96
C ILE B 334 21.28 30.75 -9.66
N ILE B 335 22.07 30.91 -8.60
CA ILE B 335 22.57 32.24 -8.14
C ILE B 335 23.55 32.79 -9.18
N PRO B 336 24.59 32.02 -9.59
CA PRO B 336 25.47 32.42 -10.69
C PRO B 336 24.75 32.77 -12.01
N TYR B 337 23.70 32.02 -12.37
CA TYR B 337 22.93 32.26 -13.62
C TYR B 337 22.24 33.61 -13.53
N ILE B 338 21.59 33.91 -12.40
CA ILE B 338 20.82 35.18 -12.27
C ILE B 338 21.80 36.38 -12.29
N THR B 339 22.94 36.26 -11.60
CA THR B 339 24.01 37.28 -11.54
C THR B 339 24.61 37.49 -12.94
N ASN B 340 25.14 36.44 -13.55
CA ASN B 340 26.05 36.52 -14.73
C ASN B 340 25.23 36.56 -16.02
N VAL B 341 24.14 35.80 -16.13
CA VAL B 341 23.41 35.67 -17.43
C VAL B 341 22.28 36.71 -17.47
N LEU B 342 21.47 36.79 -16.41
CA LEU B 342 20.36 37.79 -16.31
C LEU B 342 20.90 39.17 -15.93
N GLN B 343 22.12 39.26 -15.35
CA GLN B 343 22.72 40.54 -14.89
C GLN B 343 21.79 41.19 -13.86
N ASN B 344 21.32 40.41 -12.89
CA ASN B 344 20.47 40.85 -11.76
C ASN B 344 21.09 40.35 -10.45
N PRO B 345 22.27 40.89 -10.05
CA PRO B 345 22.94 40.47 -8.82
C PRO B 345 22.04 40.62 -7.58
N ASP B 346 21.16 41.64 -7.59
CA ASP B 346 20.18 41.93 -6.51
C ASP B 346 19.29 40.70 -6.28
N LEU B 347 18.68 40.17 -7.35
CA LEU B 347 17.76 39.00 -7.25
C LEU B 347 18.56 37.78 -6.82
N ALA B 348 19.77 37.59 -7.36
CA ALA B 348 20.68 36.46 -7.07
C ALA B 348 20.94 36.38 -5.56
N LEU B 349 21.37 37.49 -4.96
CA LEU B 349 21.77 37.56 -3.53
C LEU B 349 20.52 37.26 -2.67
N ARG B 350 19.42 37.96 -2.94
CA ARG B 350 18.12 37.82 -2.22
C ARG B 350 17.69 36.34 -2.23
N MET B 351 17.74 35.68 -3.39
CA MET B 351 17.29 34.27 -3.56
C MET B 351 18.31 33.33 -2.88
N ALA B 352 19.60 33.67 -2.91
CA ALA B 352 20.69 32.88 -2.30
C ALA B 352 20.48 32.83 -0.78
N VAL B 353 20.19 33.98 -0.16
CA VAL B 353 20.01 34.08 1.32
C VAL B 353 18.68 33.40 1.70
N ARG B 354 17.59 33.73 1.00
CA ARG B 354 16.18 33.41 1.37
C ARG B 354 16.07 31.97 1.87
N GLY C 7 -14.53 11.05 14.20
CA GLY C 7 -15.47 9.97 14.57
C GLY C 7 -15.16 9.38 15.95
N GLY C 8 -15.65 8.18 16.22
CA GLY C 8 -15.21 7.33 17.35
C GLY C 8 -14.12 6.39 16.88
N ASN C 9 -13.09 6.92 16.22
CA ASN C 9 -12.05 6.15 15.49
C ASN C 9 -11.03 5.59 16.48
N LEU C 10 -10.54 4.39 16.22
CA LEU C 10 -9.65 3.62 17.14
C LEU C 10 -8.20 4.07 16.92
N ILE C 11 -7.95 4.89 15.91
CA ILE C 11 -6.62 5.52 15.66
C ILE C 11 -6.88 6.94 15.15
N THR C 12 -5.98 7.87 15.46
CA THR C 12 -5.98 9.22 14.87
C THR C 12 -4.68 9.42 14.12
N PHE C 13 -4.72 10.32 13.14
CA PHE C 13 -3.57 10.68 12.27
C PHE C 13 -3.24 12.15 12.46
N PRO C 15 -2.48 16.01 11.28
CA PRO C 15 -3.18 16.81 10.28
C PRO C 15 -2.46 16.75 8.91
N LEU C 16 -3.21 16.96 7.82
CA LEU C 16 -2.69 17.09 6.44
C LEU C 16 -1.95 18.42 6.27
N GLN C 17 -2.26 19.43 7.10
CA GLN C 17 -1.92 20.86 6.91
C GLN C 17 -2.61 21.39 5.65
N GLY D 7 -23.15 -3.05 -7.13
CA GLY D 7 -23.18 -3.26 -8.61
C GLY D 7 -21.95 -4.03 -9.06
N GLY D 8 -21.65 -4.02 -10.37
CA GLY D 8 -20.45 -4.63 -10.96
C GLY D 8 -19.19 -3.84 -10.62
N ASN D 9 -18.01 -4.43 -10.77
CA ASN D 9 -16.74 -3.73 -10.48
C ASN D 9 -16.21 -3.14 -11.80
N LEU D 10 -15.67 -1.91 -11.73
CA LEU D 10 -15.09 -1.21 -12.89
C LEU D 10 -13.65 -1.70 -13.18
N ILE D 11 -13.10 -2.57 -12.32
CA ILE D 11 -11.81 -3.26 -12.56
C ILE D 11 -11.92 -4.68 -12.03
N THR D 12 -11.22 -5.62 -12.65
CA THR D 12 -11.08 -6.99 -12.08
C THR D 12 -9.61 -7.26 -11.81
N PHE D 13 -9.35 -8.14 -10.86
CA PHE D 13 -8.00 -8.58 -10.45
C PHE D 13 -7.87 -10.08 -10.68
N PRO D 15 -6.88 -13.98 -9.84
CA PRO D 15 -7.17 -14.72 -8.61
C PRO D 15 -6.01 -14.65 -7.61
N LEU D 16 -6.33 -14.79 -6.32
CA LEU D 16 -5.37 -14.72 -5.18
C LEU D 16 -4.48 -15.98 -5.15
N GLN D 17 -4.92 -17.08 -5.77
CA GLN D 17 -4.14 -18.35 -5.90
C GLN D 17 -3.79 -18.59 -7.37
N GLY E 8 -13.35 -37.13 15.22
CA GLY E 8 -14.08 -36.65 14.02
C GLY E 8 -13.89 -37.60 12.85
N ASN E 9 -14.67 -37.40 11.77
CA ASN E 9 -14.67 -38.27 10.56
C ASN E 9 -13.65 -37.74 9.53
N LEU E 10 -12.88 -36.68 9.81
CA LEU E 10 -12.15 -35.90 8.76
C LEU E 10 -10.81 -36.55 8.44
N ILE E 11 -10.03 -36.88 9.47
CA ILE E 11 -8.70 -37.55 9.35
C ILE E 11 -8.53 -38.61 10.46
N THR E 12 -7.73 -39.62 10.17
CA THR E 12 -7.25 -40.66 11.12
C THR E 12 -5.72 -40.54 11.24
N PHE E 13 -5.19 -40.71 12.44
CA PHE E 13 -3.74 -40.53 12.74
C PHE E 13 -3.45 -41.17 14.10
N PRO E 15 -2.72 -41.44 17.77
CA PRO E 15 -2.92 -40.62 18.97
C PRO E 15 -1.63 -40.36 19.76
#